data_4J07
#
_entry.id   4J07
#
_cell.length_a   109.950
_cell.length_b   109.950
_cell.length_c   288.330
_cell.angle_alpha   90.000
_cell.angle_beta   90.000
_cell.angle_gamma   120.000
#
_symmetry.space_group_name_H-M   'P 65 2 2'
#
loop_
_entity.id
_entity.type
_entity.pdbx_description
1 polymer '6,7-dimethyl-8-ribityllumazine synthase'
2 non-polymer 'SODIUM ION'
3 non-polymer 'SULFATE ION'
4 water water
#
_entity_poly.entity_id   1
_entity_poly.type   'polypeptide(L)'
_entity_poly.pdbx_seq_one_letter_code
;MAHHHHHHMGTLEAQTQGPGSMSGGAGIPEVPGIDASGLRLGIVASTWHSRICDALLAGARKVAADSGIDGPTVVRVLGA
IEIPVVVQELARHHDAVVALGVVIRGDTPHFDYVCNSVTQGLTRIALDTSTPVGNGVLTTNTEKQALDRAGLPTSAEDKG
AQAAAAALTTALTLLNLRSRI
;
_entity_poly.pdbx_strand_id   A,B,C,D,E
#
# COMPACT_ATOMS: atom_id res chain seq x y z
N PRO A 29 -37.85 -13.34 3.38
CA PRO A 29 -38.37 -12.74 4.61
C PRO A 29 -38.49 -11.22 4.49
N GLU A 30 -39.57 -10.66 5.05
CA GLU A 30 -39.79 -9.22 5.04
C GLU A 30 -39.20 -8.62 6.29
N VAL A 31 -38.36 -7.61 6.11
CA VAL A 31 -37.68 -6.99 7.22
C VAL A 31 -37.69 -5.49 6.92
N PRO A 32 -37.99 -4.66 7.93
CA PRO A 32 -38.09 -3.23 7.63
C PRO A 32 -36.76 -2.68 7.09
N GLY A 33 -36.83 -1.63 6.28
CA GLY A 33 -35.62 -1.10 5.66
C GLY A 33 -34.90 -0.16 6.60
N ILE A 34 -33.75 0.29 6.15
CA ILE A 34 -32.92 1.25 6.85
C ILE A 34 -33.67 2.60 6.81
N ASP A 35 -33.77 3.34 7.91
CA ASP A 35 -34.25 4.70 7.79
C ASP A 35 -33.05 5.67 7.79
N ALA A 36 -32.67 6.11 6.59
CA ALA A 36 -31.53 7.05 6.43
C ALA A 36 -31.95 8.44 5.92
N SER A 37 -33.20 8.85 6.15
CA SER A 37 -33.67 10.16 5.71
C SER A 37 -32.86 11.34 6.23
N GLY A 38 -32.26 11.23 7.41
CA GLY A 38 -31.43 12.33 7.92
C GLY A 38 -30.01 12.45 7.34
N LEU A 39 -29.66 11.58 6.38
CA LEU A 39 -28.28 11.49 5.92
C LEU A 39 -28.10 12.11 4.53
N ARG A 40 -26.92 12.65 4.27
CA ARG A 40 -26.57 13.12 2.94
C ARG A 40 -25.80 11.96 2.26
N LEU A 41 -26.27 11.48 1.11
CA LEU A 41 -25.57 10.42 0.38
C LEU A 41 -25.03 10.87 -0.95
N GLY A 42 -23.77 10.50 -1.20
CA GLY A 42 -23.16 10.66 -2.50
C GLY A 42 -22.94 9.33 -3.21
N ILE A 43 -23.08 9.39 -4.53
CA ILE A 43 -22.90 8.26 -5.42
C ILE A 43 -22.05 8.65 -6.62
N VAL A 44 -20.97 7.90 -6.85
CA VAL A 44 -20.11 8.12 -7.98
C VAL A 44 -20.12 6.84 -8.80
N ALA A 45 -20.57 6.91 -10.05
CA ALA A 45 -20.51 5.74 -10.95
C ALA A 45 -19.68 5.99 -12.21
N SER A 46 -18.79 5.05 -12.52
CA SER A 46 -18.03 5.18 -13.75
C SER A 46 -18.95 4.82 -14.92
N THR A 47 -18.37 4.80 -16.12
CA THR A 47 -19.11 4.73 -17.36
C THR A 47 -18.60 3.62 -18.29
N TRP A 48 -17.31 3.25 -18.21
CA TRP A 48 -16.78 2.15 -19.05
C TRP A 48 -17.58 0.86 -18.74
N HIS A 49 -18.07 0.20 -19.79
CA HIS A 49 -19.01 -0.93 -19.65
C HIS A 49 -20.30 -0.35 -19.12
N SER A 50 -20.89 0.59 -19.86
CA SER A 50 -21.96 1.45 -19.33
CA SER A 50 -21.96 1.46 -19.35
C SER A 50 -23.28 0.76 -18.95
N ARG A 51 -23.65 -0.30 -19.66
CA ARG A 51 -24.92 -0.95 -19.31
C ARG A 51 -24.78 -1.62 -17.95
N ILE A 52 -23.56 -2.04 -17.62
CA ILE A 52 -23.31 -2.61 -16.30
C ILE A 52 -23.23 -1.53 -15.24
N CYS A 53 -22.48 -0.46 -15.52
CA CYS A 53 -22.41 0.68 -14.64
C CYS A 53 -23.77 1.31 -14.36
N ASP A 54 -24.57 1.48 -15.40
CA ASP A 54 -25.92 2.03 -15.22
C ASP A 54 -26.78 1.14 -14.30
N ALA A 55 -26.62 -0.17 -14.44
CA ALA A 55 -27.39 -1.13 -13.62
C ALA A 55 -27.00 -1.09 -12.15
N LEU A 56 -25.71 -0.93 -11.89
CA LEU A 56 -25.23 -0.75 -10.52
C LEU A 56 -25.82 0.53 -9.93
N LEU A 57 -25.85 1.58 -10.72
CA LEU A 57 -26.34 2.85 -10.24
C LEU A 57 -27.81 2.72 -9.92
N ALA A 58 -28.54 2.01 -10.77
CA ALA A 58 -29.99 1.91 -10.56
C ALA A 58 -30.26 1.13 -9.27
N GLY A 59 -29.54 0.02 -9.05
CA GLY A 59 -29.68 -0.75 -7.80
C GLY A 59 -29.34 0.04 -6.55
N ALA A 60 -28.32 0.89 -6.66
CA ALA A 60 -27.93 1.75 -5.53
C ALA A 60 -29.01 2.80 -5.25
N ARG A 61 -29.58 3.32 -6.32
CA ARG A 61 -30.57 4.38 -6.21
C ARG A 61 -31.84 3.87 -5.56
N LYS A 62 -32.22 2.65 -5.92
CA LYS A 62 -33.39 1.96 -5.38
C LYS A 62 -33.31 1.83 -3.86
N VAL A 63 -32.17 1.34 -3.40
CA VAL A 63 -31.91 1.18 -1.99
C VAL A 63 -31.89 2.55 -1.32
N ALA A 64 -31.22 3.56 -1.87
CA ALA A 64 -31.28 4.91 -1.28
C ALA A 64 -32.72 5.44 -1.12
N ALA A 65 -33.55 5.27 -2.16
CA ALA A 65 -34.95 5.77 -2.10
C ALA A 65 -35.73 5.00 -1.02
N ASP A 66 -35.73 3.69 -1.13
CA ASP A 66 -36.31 2.83 -0.10
C ASP A 66 -35.90 3.27 1.29
N SER A 67 -34.67 3.74 1.46
CA SER A 67 -34.17 4.18 2.75
C SER A 67 -34.47 5.62 3.12
N GLY A 68 -35.18 6.34 2.27
CA GLY A 68 -35.59 7.67 2.64
C GLY A 68 -34.80 8.75 1.94
N ILE A 69 -34.02 8.41 0.91
CA ILE A 69 -33.19 9.42 0.21
C ILE A 69 -33.47 9.42 -1.29
N ASP A 70 -34.36 10.29 -1.70
CA ASP A 70 -34.82 10.35 -3.07
C ASP A 70 -33.90 11.24 -3.91
N GLY A 71 -33.11 12.10 -3.25
CA GLY A 71 -32.22 13.03 -3.96
C GLY A 71 -30.74 12.90 -3.64
N PRO A 72 -30.15 11.72 -3.85
CA PRO A 72 -28.72 11.69 -3.58
C PRO A 72 -27.92 12.52 -4.57
N THR A 73 -26.72 12.92 -4.20
CA THR A 73 -25.80 13.60 -5.15
C THR A 73 -25.23 12.51 -6.03
N VAL A 74 -25.51 12.55 -7.33
CA VAL A 74 -25.05 11.52 -8.24
C VAL A 74 -24.13 12.13 -9.27
N VAL A 75 -22.95 11.51 -9.39
CA VAL A 75 -21.92 12.00 -10.24
C VAL A 75 -21.38 10.84 -11.09
N ARG A 76 -21.11 11.13 -12.35
CA ARG A 76 -20.56 10.13 -13.27
C ARG A 76 -19.12 10.46 -13.68
N VAL A 77 -18.27 9.44 -13.64
CA VAL A 77 -16.92 9.53 -14.19
C VAL A 77 -16.66 8.53 -15.31
N LEU A 78 -15.52 8.66 -16.01
CA LEU A 78 -15.16 7.78 -17.15
C LEU A 78 -14.91 6.31 -16.76
N GLY A 79 -13.84 6.11 -16.00
CA GLY A 79 -13.46 4.77 -15.57
C GLY A 79 -13.23 4.72 -14.07
N ALA A 80 -12.85 3.54 -13.62
CA ALA A 80 -12.69 3.27 -12.22
C ALA A 80 -11.52 4.07 -11.62
N ILE A 81 -10.54 4.41 -12.46
CA ILE A 81 -9.36 5.15 -12.02
C ILE A 81 -9.79 6.52 -11.58
N GLU A 82 -10.87 7.05 -12.18
CA GLU A 82 -11.39 8.39 -11.84
C GLU A 82 -12.28 8.39 -10.60
N ILE A 83 -12.61 7.21 -10.10
CA ILE A 83 -13.57 7.11 -8.95
C ILE A 83 -13.00 7.67 -7.64
N PRO A 84 -11.76 7.30 -7.27
CA PRO A 84 -11.26 7.81 -5.99
C PRO A 84 -11.36 9.30 -5.79
N VAL A 85 -10.85 10.10 -6.72
CA VAL A 85 -10.75 11.53 -6.50
C VAL A 85 -12.12 12.16 -6.30
N VAL A 86 -13.12 11.64 -7.03
CA VAL A 86 -14.50 12.10 -6.87
C VAL A 86 -15.14 11.56 -5.57
N VAL A 87 -14.88 10.31 -5.24
CA VAL A 87 -15.36 9.79 -3.95
C VAL A 87 -14.84 10.66 -2.81
N GLN A 88 -13.57 11.03 -2.83
CA GLN A 88 -13.02 11.96 -1.83
C GLN A 88 -13.77 13.31 -1.78
N GLU A 89 -14.06 13.89 -2.94
CA GLU A 89 -14.76 15.17 -3.00
C GLU A 89 -16.13 15.05 -2.32
N LEU A 90 -16.83 13.96 -2.64
CA LEU A 90 -18.14 13.71 -2.05
C LEU A 90 -18.06 13.40 -0.56
N ALA A 91 -17.01 12.69 -0.14
CA ALA A 91 -16.93 12.21 1.26
C ALA A 91 -16.75 13.38 2.25
N ARG A 92 -16.24 14.50 1.74
CA ARG A 92 -15.99 15.65 2.59
C ARG A 92 -17.27 16.35 3.00
N HIS A 93 -18.33 16.20 2.19
CA HIS A 93 -19.61 16.89 2.40
C HIS A 93 -20.84 15.98 2.47
N HIS A 94 -20.62 14.66 2.53
CA HIS A 94 -21.72 13.70 2.70
C HIS A 94 -21.43 12.75 3.84
N ASP A 95 -22.45 12.05 4.30
CA ASP A 95 -22.35 11.18 5.47
C ASP A 95 -22.01 9.75 5.04
N ALA A 96 -22.19 9.50 3.74
CA ALA A 96 -21.95 8.19 3.13
C ALA A 96 -21.74 8.36 1.62
N VAL A 97 -20.82 7.58 1.04
CA VAL A 97 -20.58 7.63 -0.40
C VAL A 97 -20.64 6.19 -0.93
N VAL A 98 -21.25 6.05 -2.08
CA VAL A 98 -21.30 4.80 -2.81
C VAL A 98 -20.47 4.89 -4.06
N ALA A 99 -19.56 3.93 -4.20
CA ALA A 99 -18.62 3.89 -5.31
C ALA A 99 -18.99 2.74 -6.21
N LEU A 100 -19.26 3.07 -7.48
CA LEU A 100 -19.80 2.12 -8.46
C LEU A 100 -19.01 2.11 -9.73
N GLY A 101 -18.77 0.90 -10.24
CA GLY A 101 -18.18 0.75 -11.54
C GLY A 101 -17.77 -0.68 -11.83
N VAL A 102 -17.08 -0.83 -12.96
CA VAL A 102 -16.68 -2.09 -13.48
C VAL A 102 -15.27 -2.10 -14.07
N VAL A 103 -14.47 -3.03 -13.58
CA VAL A 103 -13.23 -3.40 -14.26
C VAL A 103 -13.30 -4.88 -14.66
N ILE A 104 -13.11 -5.15 -15.97
CA ILE A 104 -13.03 -6.51 -16.50
C ILE A 104 -11.63 -6.79 -16.99
N ARG A 105 -11.03 -7.88 -16.54
CA ARG A 105 -9.68 -8.24 -17.01
C ARG A 105 -9.64 -8.25 -18.53
N GLY A 106 -8.62 -7.61 -19.11
CA GLY A 106 -8.32 -7.67 -20.52
C GLY A 106 -7.10 -8.52 -20.82
N ASP A 107 -6.26 -8.01 -21.69
CA ASP A 107 -5.12 -8.77 -22.14
C ASP A 107 -3.92 -8.68 -21.23
N THR A 108 -3.80 -7.58 -20.48
CA THR A 108 -2.50 -7.23 -19.91
C THR A 108 -2.63 -7.21 -18.41
N PRO A 109 -1.51 -7.00 -17.70
CA PRO A 109 -1.52 -6.78 -16.23
C PRO A 109 -2.26 -5.55 -15.73
N HIS A 110 -2.63 -4.62 -16.61
CA HIS A 110 -3.30 -3.36 -16.24
C HIS A 110 -4.42 -3.59 -15.22
N PHE A 111 -5.35 -4.51 -15.51
CA PHE A 111 -6.40 -4.94 -14.54
C PHE A 111 -5.92 -5.03 -13.07
N ASP A 112 -4.88 -5.81 -12.84
CA ASP A 112 -4.38 -6.05 -11.46
C ASP A 112 -3.99 -4.75 -10.77
N TYR A 113 -3.22 -3.92 -11.44
CA TYR A 113 -2.72 -2.70 -10.81
C TYR A 113 -3.84 -1.67 -10.59
N VAL A 114 -4.71 -1.51 -11.59
CA VAL A 114 -5.90 -0.68 -11.49
C VAL A 114 -6.80 -1.12 -10.33
N CYS A 115 -7.23 -2.35 -10.34
CA CYS A 115 -8.10 -2.87 -9.26
C CYS A 115 -7.51 -2.63 -7.87
N ASN A 116 -6.22 -2.89 -7.70
CA ASN A 116 -5.62 -2.85 -6.38
C ASN A 116 -5.56 -1.42 -5.88
N SER A 117 -5.13 -0.53 -6.77
CA SER A 117 -4.97 0.86 -6.42
C SER A 117 -6.32 1.50 -6.18
N VAL A 118 -7.31 1.19 -7.01
CA VAL A 118 -8.63 1.77 -6.77
C VAL A 118 -9.22 1.28 -5.46
N THR A 119 -9.15 -0.03 -5.20
CA THR A 119 -9.73 -0.54 -3.94
C THR A 119 -9.03 0.05 -2.71
N GLN A 120 -7.71 0.13 -2.77
CA GLN A 120 -6.87 0.74 -1.74
CA GLN A 120 -6.97 0.70 -1.67
C GLN A 120 -7.33 2.16 -1.50
N GLY A 121 -7.50 2.87 -2.62
CA GLY A 121 -7.88 4.25 -2.62
C GLY A 121 -9.21 4.47 -1.91
N LEU A 122 -10.17 3.58 -2.12
CA LEU A 122 -11.47 3.73 -1.46
C LEU A 122 -11.33 3.51 0.02
N THR A 123 -10.45 2.59 0.38
CA THR A 123 -10.15 2.31 1.79
C THR A 123 -9.50 3.52 2.45
N ARG A 124 -8.49 4.09 1.81
CA ARG A 124 -7.84 5.29 2.33
C ARG A 124 -8.84 6.44 2.58
N ILE A 125 -9.77 6.68 1.64
CA ILE A 125 -10.71 7.81 1.75
C ILE A 125 -11.66 7.67 2.94
N ALA A 126 -12.13 6.45 3.13
CA ALA A 126 -13.10 6.19 4.19
C ALA A 126 -12.41 6.54 5.47
N LEU A 127 -11.15 6.12 5.59
CA LEU A 127 -10.36 6.43 6.80
C LEU A 127 -10.03 7.94 6.90
N ASP A 128 -9.50 8.53 5.85
CA ASP A 128 -9.15 9.97 5.86
C ASP A 128 -10.32 10.83 6.30
N THR A 129 -11.51 10.53 5.78
CA THR A 129 -12.72 11.31 6.00
C THR A 129 -13.67 10.73 7.06
N SER A 130 -13.28 9.64 7.70
CA SER A 130 -14.14 8.93 8.64
C SER A 130 -15.59 8.82 8.17
N THR A 131 -15.76 8.45 6.91
CA THR A 131 -17.02 8.41 6.23
C THR A 131 -17.07 7.10 5.44
N PRO A 132 -18.13 6.33 5.59
CA PRO A 132 -18.15 5.04 4.86
C PRO A 132 -18.21 5.19 3.35
N VAL A 133 -17.51 4.30 2.66
CA VAL A 133 -17.50 4.25 1.21
C VAL A 133 -17.92 2.82 0.84
N GLY A 134 -19.11 2.72 0.25
CA GLY A 134 -19.68 1.47 -0.12
C GLY A 134 -19.08 1.07 -1.43
N ASN A 135 -18.58 -0.15 -1.48
CA ASN A 135 -17.80 -0.59 -2.65
C ASN A 135 -18.68 -1.41 -3.54
N GLY A 136 -19.12 -0.79 -4.62
CA GLY A 136 -19.70 -1.51 -5.72
C GLY A 136 -18.90 -1.44 -6.98
N VAL A 137 -17.58 -1.52 -6.84
CA VAL A 137 -16.71 -1.58 -8.01
C VAL A 137 -16.48 -3.08 -8.25
N LEU A 138 -17.11 -3.59 -9.30
CA LEU A 138 -16.85 -4.93 -9.75
C LEU A 138 -15.43 -5.03 -10.33
N THR A 139 -14.81 -6.17 -10.02
CA THR A 139 -13.47 -6.50 -10.53
C THR A 139 -13.53 -7.96 -10.95
N THR A 140 -13.78 -8.20 -12.23
CA THR A 140 -14.12 -9.54 -12.69
C THR A 140 -13.15 -9.97 -13.76
N ASN A 141 -13.10 -11.27 -13.97
CA ASN A 141 -12.32 -11.86 -15.04
C ASN A 141 -13.04 -11.83 -16.37
N THR A 142 -14.38 -11.90 -16.33
CA THR A 142 -15.16 -11.87 -17.56
C THR A 142 -16.32 -10.86 -17.50
N GLU A 143 -16.85 -10.53 -18.68
CA GLU A 143 -18.04 -9.70 -18.76
C GLU A 143 -19.26 -10.37 -18.15
N LYS A 144 -19.40 -11.67 -18.39
CA LYS A 144 -20.54 -12.40 -17.86
C LYS A 144 -20.62 -12.35 -16.32
N GLN A 145 -19.47 -12.40 -15.66
CA GLN A 145 -19.42 -12.31 -14.19
C GLN A 145 -19.89 -10.93 -13.76
N ALA A 146 -19.46 -9.90 -14.47
CA ALA A 146 -19.89 -8.54 -14.12
C ALA A 146 -21.39 -8.38 -14.29
N LEU A 147 -21.90 -8.83 -15.43
CA LEU A 147 -23.33 -8.79 -15.74
C LEU A 147 -24.14 -9.52 -14.68
N ASP A 148 -23.63 -10.66 -14.22
CA ASP A 148 -24.33 -11.45 -13.21
C ASP A 148 -24.35 -10.79 -11.80
N ARG A 149 -23.61 -9.69 -11.59
CA ARG A 149 -23.46 -9.04 -10.30
C ARG A 149 -24.01 -7.62 -10.31
N ALA A 150 -24.62 -7.21 -11.43
CA ALA A 150 -24.94 -5.82 -11.66
C ALA A 150 -26.42 -5.46 -11.38
N GLY A 151 -27.18 -6.39 -10.83
CA GLY A 151 -28.60 -6.17 -10.57
C GLY A 151 -29.47 -6.06 -11.82
N LEU A 152 -29.11 -6.79 -12.88
CA LEU A 152 -29.95 -6.80 -14.07
C LEU A 152 -31.07 -7.78 -13.80
N PRO A 153 -32.15 -7.75 -14.58
CA PRO A 153 -33.30 -8.62 -14.22
C PRO A 153 -32.83 -10.06 -14.03
N THR A 154 -31.89 -10.45 -14.87
CA THR A 154 -31.36 -11.80 -14.93
C THR A 154 -30.15 -12.04 -14.01
N SER A 155 -29.72 -11.02 -13.25
CA SER A 155 -28.51 -11.10 -12.43
C SER A 155 -28.71 -11.87 -11.13
N ALA A 156 -27.72 -12.68 -10.80
CA ALA A 156 -27.62 -13.34 -9.51
C ALA A 156 -27.55 -12.37 -8.32
N GLU A 157 -26.78 -11.30 -8.43
CA GLU A 157 -26.55 -10.32 -7.32
C GLU A 157 -26.75 -8.86 -7.78
N ASP A 158 -27.03 -7.97 -6.83
CA ASP A 158 -27.21 -6.55 -7.10
C ASP A 158 -26.19 -5.84 -6.26
N LYS A 159 -24.96 -5.72 -6.76
CA LYS A 159 -23.88 -5.17 -5.94
C LYS A 159 -24.02 -3.67 -5.70
N GLY A 160 -24.70 -2.96 -6.59
CA GLY A 160 -25.11 -1.59 -6.31
C GLY A 160 -25.98 -1.45 -5.06
N ALA A 161 -27.02 -2.28 -4.97
CA ALA A 161 -27.87 -2.39 -3.78
C ALA A 161 -27.03 -2.72 -2.56
N GLN A 162 -26.16 -3.73 -2.69
CA GLN A 162 -25.32 -4.13 -1.57
C GLN A 162 -24.44 -2.97 -1.08
N ALA A 163 -23.85 -2.24 -2.03
CA ALA A 163 -22.90 -1.17 -1.68
C ALA A 163 -23.66 0.01 -1.01
N ALA A 164 -24.87 0.27 -1.45
CA ALA A 164 -25.65 1.34 -0.84
C ALA A 164 -26.07 0.96 0.57
N ALA A 165 -26.46 -0.31 0.77
CA ALA A 165 -26.80 -0.82 2.09
C ALA A 165 -25.63 -0.64 3.03
N ALA A 166 -24.45 -1.03 2.58
CA ALA A 166 -23.26 -1.02 3.42
C ALA A 166 -22.95 0.41 3.89
N ALA A 167 -22.91 1.34 2.94
CA ALA A 167 -22.54 2.70 3.25
C ALA A 167 -23.54 3.33 4.22
N LEU A 168 -24.83 3.14 3.96
CA LEU A 168 -25.88 3.76 4.74
C LEU A 168 -26.02 3.19 6.12
N THR A 169 -25.96 1.85 6.23
CA THR A 169 -26.06 1.18 7.52
C THR A 169 -24.87 1.58 8.37
N THR A 170 -23.69 1.59 7.76
CA THR A 170 -22.48 1.98 8.48
C THR A 170 -22.58 3.43 8.92
N ALA A 171 -23.09 4.30 8.05
CA ALA A 171 -23.21 5.69 8.44
C ALA A 171 -24.12 5.86 9.67
N LEU A 172 -25.26 5.15 9.68
CA LEU A 172 -26.17 5.27 10.84
C LEU A 172 -25.49 4.77 12.10
N THR A 173 -24.70 3.71 11.95
CA THR A 173 -23.94 3.13 13.06
C THR A 173 -22.96 4.16 13.65
N LEU A 174 -22.22 4.83 12.78
CA LEU A 174 -21.27 5.87 13.19
C LEU A 174 -21.98 7.02 13.90
N LEU A 175 -23.10 7.49 13.35
CA LEU A 175 -23.86 8.59 13.99
C LEU A 175 -24.26 8.14 15.40
N ASN A 176 -24.82 6.93 15.49
CA ASN A 176 -25.16 6.34 16.78
C ASN A 176 -23.97 6.34 17.75
N LEU A 177 -22.82 5.83 17.31
CA LEU A 177 -21.60 5.86 18.17
C LEU A 177 -21.12 7.27 18.59
N ARG A 178 -21.38 8.25 17.74
CA ARG A 178 -20.86 9.59 17.97
C ARG A 178 -21.72 10.34 18.97
N SER A 179 -23.01 10.05 18.99
CA SER A 179 -23.94 10.42 20.10
C SER A 179 -23.51 9.93 21.48
N ARG A 180 -22.69 8.89 21.53
CA ARG A 180 -22.08 8.40 22.77
C ARG A 180 -20.80 9.19 23.07
N GLY B 33 -17.44 17.15 -27.48
CA GLY B 33 -18.30 17.38 -26.29
C GLY B 33 -17.52 17.33 -24.99
N ILE B 34 -16.32 17.91 -25.00
CA ILE B 34 -15.55 18.21 -23.79
C ILE B 34 -15.10 19.63 -23.97
N ASP B 35 -15.56 20.53 -23.11
CA ASP B 35 -15.15 21.90 -23.22
C ASP B 35 -14.37 22.32 -21.98
N ALA B 36 -13.05 22.16 -22.05
CA ALA B 36 -12.20 22.47 -20.93
C ALA B 36 -11.39 23.71 -21.19
N SER B 37 -11.81 24.57 -22.13
CA SER B 37 -11.02 25.76 -22.48
C SER B 37 -10.40 26.48 -21.27
N GLY B 38 -11.17 26.60 -20.18
CA GLY B 38 -10.67 27.36 -19.01
C GLY B 38 -9.81 26.59 -18.04
N LEU B 39 -9.46 25.35 -18.38
CA LEU B 39 -8.72 24.49 -17.46
C LEU B 39 -7.22 24.46 -17.71
N ARG B 40 -6.47 24.25 -16.63
CA ARG B 40 -5.01 24.13 -16.67
C ARG B 40 -4.63 22.64 -16.75
N LEU B 41 -4.10 22.19 -17.88
CA LEU B 41 -3.73 20.76 -18.03
C LEU B 41 -2.24 20.54 -18.04
N GLY B 42 -1.78 19.55 -17.28
CA GLY B 42 -0.38 19.14 -17.26
C GLY B 42 -0.26 17.74 -17.85
N ILE B 43 0.79 17.52 -18.64
CA ILE B 43 1.03 16.18 -19.18
C ILE B 43 2.48 15.78 -18.93
N VAL B 44 2.68 14.63 -18.27
CA VAL B 44 4.00 14.03 -18.07
C VAL B 44 4.09 12.73 -18.87
N ALA B 45 5.14 12.65 -19.69
CA ALA B 45 5.38 11.49 -20.50
C ALA B 45 6.80 11.00 -20.44
N SER B 46 6.92 9.72 -20.10
CA SER B 46 8.21 9.09 -20.09
C SER B 46 8.72 9.00 -21.54
N THR B 47 9.96 8.54 -21.64
CA THR B 47 10.71 8.50 -22.85
C THR B 47 11.08 7.07 -23.22
N TRP B 48 11.11 6.17 -22.25
CA TRP B 48 11.58 4.83 -22.51
C TRP B 48 10.58 4.11 -23.46
N HIS B 49 11.10 3.55 -24.56
CA HIS B 49 10.29 3.11 -25.72
C HIS B 49 9.66 4.36 -26.41
N SER B 50 10.52 5.15 -27.05
CA SER B 50 10.14 6.41 -27.71
C SER B 50 8.89 6.45 -28.58
N ARG B 51 8.81 5.54 -29.54
CA ARG B 51 7.72 5.53 -30.50
C ARG B 51 6.38 5.47 -29.80
N ILE B 52 6.28 4.55 -28.83
CA ILE B 52 5.05 4.36 -28.12
C ILE B 52 4.79 5.61 -27.27
N CYS B 53 5.82 6.05 -26.52
CA CYS B 53 5.67 7.22 -25.66
C CYS B 53 5.23 8.45 -26.46
N ASP B 54 5.89 8.68 -27.58
CA ASP B 54 5.52 9.79 -28.40
C ASP B 54 4.06 9.68 -28.92
N ALA B 55 3.58 8.49 -29.20
CA ALA B 55 2.25 8.37 -29.80
C ALA B 55 1.19 8.61 -28.70
N LEU B 56 1.51 8.15 -27.49
CA LEU B 56 0.69 8.32 -26.32
C LEU B 56 0.51 9.83 -26.11
N LEU B 57 1.62 10.54 -26.19
CA LEU B 57 1.59 11.98 -26.03
C LEU B 57 0.83 12.68 -27.16
N ALA B 58 1.04 12.27 -28.40
CA ALA B 58 0.28 12.87 -29.49
C ALA B 58 -1.23 12.66 -29.25
N GLY B 59 -1.60 11.48 -28.75
CA GLY B 59 -3.01 11.14 -28.47
C GLY B 59 -3.65 12.06 -27.44
N ALA B 60 -2.92 12.30 -26.34
CA ALA B 60 -3.38 13.21 -25.27
C ALA B 60 -3.43 14.68 -25.70
N ARG B 61 -2.39 15.12 -26.42
CA ARG B 61 -2.36 16.48 -27.02
C ARG B 61 -3.57 16.78 -27.87
N LYS B 62 -3.87 15.83 -28.73
CA LYS B 62 -4.97 15.96 -29.69
C LYS B 62 -6.27 16.16 -28.92
N VAL B 63 -6.47 15.36 -27.88
CA VAL B 63 -7.67 15.47 -27.06
C VAL B 63 -7.75 16.81 -26.36
N ALA B 64 -6.66 17.24 -25.72
CA ALA B 64 -6.64 18.53 -25.08
C ALA B 64 -6.96 19.66 -26.05
N ALA B 65 -6.33 19.62 -27.24
CA ALA B 65 -6.55 20.67 -28.25
C ALA B 65 -8.02 20.72 -28.65
N ASP B 66 -8.58 19.55 -28.95
CA ASP B 66 -10.01 19.43 -29.30
C ASP B 66 -10.93 19.88 -28.19
N SER B 67 -10.45 19.79 -26.97
CA SER B 67 -11.19 20.27 -25.80
C SER B 67 -10.97 21.74 -25.44
N GLY B 68 -10.22 22.47 -26.25
CA GLY B 68 -10.05 23.92 -26.06
C GLY B 68 -8.75 24.34 -25.37
N ILE B 69 -7.87 23.38 -25.14
CA ILE B 69 -6.60 23.62 -24.46
C ILE B 69 -5.45 23.41 -25.45
N ASP B 70 -4.92 24.49 -26.01
CA ASP B 70 -3.85 24.38 -27.03
C ASP B 70 -2.40 24.44 -26.48
N GLY B 71 -2.23 25.03 -25.30
CA GLY B 71 -0.91 25.06 -24.63
C GLY B 71 -0.89 24.31 -23.29
N PRO B 72 -1.06 22.99 -23.30
CA PRO B 72 -0.82 22.28 -22.03
C PRO B 72 0.64 22.40 -21.59
N THR B 73 0.88 22.14 -20.30
CA THR B 73 2.21 21.96 -19.82
C THR B 73 2.60 20.52 -20.11
N VAL B 74 3.71 20.37 -20.82
CA VAL B 74 4.22 19.08 -21.24
C VAL B 74 5.65 18.88 -20.75
N VAL B 75 5.84 17.84 -19.93
CA VAL B 75 7.10 17.52 -19.35
C VAL B 75 7.51 16.10 -19.78
N ARG B 76 8.80 15.92 -20.10
CA ARG B 76 9.32 14.61 -20.43
C ARG B 76 10.26 14.12 -19.34
N VAL B 77 10.08 12.84 -18.98
CA VAL B 77 10.96 12.12 -18.09
C VAL B 77 11.44 10.81 -18.76
N LEU B 78 12.45 10.20 -18.13
CA LEU B 78 13.11 9.00 -18.68
C LEU B 78 12.21 7.75 -18.71
N GLY B 79 11.72 7.35 -17.54
CA GLY B 79 10.97 6.10 -17.42
C GLY B 79 9.79 6.24 -16.50
N ALA B 80 9.02 5.15 -16.36
CA ALA B 80 7.80 5.13 -15.55
C ALA B 80 8.03 5.58 -14.13
N ILE B 81 9.12 5.08 -13.53
CA ILE B 81 9.43 5.35 -12.11
CA ILE B 81 9.44 5.35 -12.12
C ILE B 81 9.48 6.86 -11.85
N GLU B 82 9.93 7.62 -12.85
CA GLU B 82 10.11 9.08 -12.74
C GLU B 82 8.81 9.86 -12.90
N ILE B 83 7.72 9.20 -13.25
CA ILE B 83 6.47 9.88 -13.59
CA ILE B 83 6.49 9.88 -13.60
C ILE B 83 5.80 10.51 -12.39
N PRO B 84 5.68 9.75 -11.26
CA PRO B 84 4.93 10.32 -10.14
C PRO B 84 5.44 11.63 -9.53
N VAL B 85 6.75 11.79 -9.30
CA VAL B 85 7.25 12.98 -8.69
C VAL B 85 6.94 14.20 -9.59
N VAL B 86 6.95 14.02 -10.92
CA VAL B 86 6.68 15.14 -11.79
C VAL B 86 5.18 15.40 -11.87
N VAL B 87 4.40 14.31 -11.88
CA VAL B 87 2.96 14.42 -11.89
C VAL B 87 2.49 15.18 -10.66
N GLN B 88 3.06 14.86 -9.49
CA GLN B 88 2.83 15.64 -8.26
C GLN B 88 3.16 17.11 -8.46
N GLU B 89 4.36 17.39 -8.97
CA GLU B 89 4.77 18.80 -9.19
C GLU B 89 3.71 19.56 -9.98
N LEU B 90 3.19 18.94 -11.04
CA LEU B 90 2.20 19.62 -11.90
C LEU B 90 0.81 19.69 -11.28
N ALA B 91 0.44 18.63 -10.58
CA ALA B 91 -0.89 18.58 -9.98
C ALA B 91 -1.13 19.71 -8.98
N ARG B 92 -0.06 20.20 -8.35
CA ARG B 92 -0.19 21.27 -7.37
C ARG B 92 -0.53 22.62 -8.00
N HIS B 93 -0.31 22.77 -9.30
CA HIS B 93 -0.59 24.03 -9.98
C HIS B 93 -1.44 23.83 -11.25
N HIS B 94 -2.15 22.70 -11.35
CA HIS B 94 -3.00 22.42 -12.53
C HIS B 94 -4.34 21.82 -12.12
N ASP B 95 -5.32 21.91 -12.99
CA ASP B 95 -6.65 21.34 -12.71
C ASP B 95 -6.73 19.86 -13.12
N ALA B 96 -5.74 19.42 -13.90
CA ALA B 96 -5.72 18.05 -14.38
C ALA B 96 -4.30 17.68 -14.84
N VAL B 97 -3.89 16.44 -14.57
CA VAL B 97 -2.62 15.90 -15.06
C VAL B 97 -2.88 14.58 -15.80
N VAL B 98 -2.13 14.37 -16.87
CA VAL B 98 -2.15 13.13 -17.63
C VAL B 98 -0.75 12.51 -17.51
N ALA B 99 -0.72 11.26 -17.04
CA ALA B 99 0.49 10.47 -16.86
C ALA B 99 0.57 9.48 -18.02
N LEU B 100 1.68 9.50 -18.74
CA LEU B 100 1.81 8.72 -19.97
C LEU B 100 3.12 7.97 -20.00
N GLY B 101 3.08 6.70 -20.36
CA GLY B 101 4.32 5.96 -20.50
C GLY B 101 4.09 4.47 -20.73
N VAL B 102 5.18 3.73 -20.73
CA VAL B 102 5.09 2.28 -20.99
C VAL B 102 6.08 1.48 -20.19
N VAL B 103 5.53 0.46 -19.53
CA VAL B 103 6.31 -0.56 -18.86
C VAL B 103 5.95 -1.86 -19.57
N ILE B 104 6.97 -2.53 -20.13
CA ILE B 104 6.81 -3.85 -20.76
C ILE B 104 7.56 -4.87 -19.93
N ARG B 105 6.88 -5.98 -19.59
CA ARG B 105 7.56 -7.05 -18.82
C ARG B 105 8.84 -7.55 -19.47
N GLY B 106 9.89 -7.65 -18.68
CA GLY B 106 11.11 -8.30 -19.15
C GLY B 106 11.34 -9.62 -18.46
N ASP B 107 12.54 -9.83 -17.96
CA ASP B 107 12.97 -11.15 -17.42
C ASP B 107 12.66 -11.37 -15.94
N THR B 108 12.75 -10.29 -15.14
CA THR B 108 12.74 -10.37 -13.67
C THR B 108 11.40 -9.86 -13.11
N PRO B 109 11.18 -9.98 -11.76
CA PRO B 109 10.03 -9.39 -11.10
C PRO B 109 9.98 -7.86 -11.09
N HIS B 110 11.06 -7.19 -11.56
CA HIS B 110 11.10 -5.70 -11.62
C HIS B 110 9.79 -5.12 -12.10
N PHE B 111 9.29 -5.69 -13.18
CA PHE B 111 8.03 -5.22 -13.78
C PHE B 111 6.92 -5.10 -12.76
N ASP B 112 6.66 -6.17 -12.00
CA ASP B 112 5.55 -6.16 -11.02
C ASP B 112 5.70 -5.06 -9.96
N TYR B 113 6.90 -4.83 -9.46
CA TYR B 113 7.02 -3.83 -8.36
C TYR B 113 6.99 -2.37 -8.89
N VAL B 114 7.58 -2.13 -10.05
CA VAL B 114 7.47 -0.84 -10.74
C VAL B 114 6.02 -0.52 -11.09
N CYS B 115 5.33 -1.49 -11.68
CA CYS B 115 3.94 -1.25 -12.05
C CYS B 115 3.09 -0.95 -10.85
N ASN B 116 3.21 -1.75 -9.79
CA ASN B 116 2.32 -1.59 -8.65
C ASN B 116 2.58 -0.23 -8.00
N SER B 117 3.84 0.08 -7.80
CA SER B 117 4.25 1.26 -7.13
C SER B 117 3.97 2.55 -7.94
N VAL B 118 4.20 2.57 -9.25
CA VAL B 118 3.81 3.75 -10.05
C VAL B 118 2.29 4.00 -10.00
N THR B 119 1.51 2.94 -10.18
CA THR B 119 0.03 3.06 -10.32
C THR B 119 -0.50 3.56 -8.98
N GLN B 120 0.02 3.00 -7.89
CA GLN B 120 -0.31 3.42 -6.57
C GLN B 120 0.10 4.89 -6.25
N GLY B 121 1.30 5.27 -6.65
CA GLY B 121 1.70 6.67 -6.61
C GLY B 121 0.71 7.61 -7.33
N LEU B 122 0.22 7.25 -8.51
CA LEU B 122 -0.68 8.16 -9.27
C LEU B 122 -1.99 8.32 -8.55
N THR B 123 -2.47 7.23 -7.93
CA THR B 123 -3.68 7.26 -7.11
C THR B 123 -3.44 8.16 -5.89
N ARG B 124 -2.28 8.02 -5.25
CA ARG B 124 -1.96 8.83 -4.05
C ARG B 124 -1.96 10.32 -4.35
N ILE B 125 -1.37 10.68 -5.46
CA ILE B 125 -1.21 12.08 -5.83
CA ILE B 125 -1.21 12.08 -5.88
C ILE B 125 -2.57 12.71 -6.07
N ALA B 126 -3.42 12.01 -6.79
CA ALA B 126 -4.71 12.55 -7.12
C ALA B 126 -5.47 12.87 -5.85
N LEU B 127 -5.31 12.01 -4.84
CA LEU B 127 -6.03 12.20 -3.62
C LEU B 127 -5.40 13.32 -2.76
N ASP B 128 -4.07 13.30 -2.63
CA ASP B 128 -3.29 14.31 -1.89
C ASP B 128 -3.62 15.72 -2.42
N THR B 129 -3.66 15.87 -3.74
CA THR B 129 -3.93 17.19 -4.37
C THR B 129 -5.38 17.41 -4.86
N SER B 130 -6.29 16.47 -4.63
CA SER B 130 -7.70 16.61 -5.08
C SER B 130 -7.85 17.05 -6.56
N THR B 131 -7.01 16.47 -7.39
CA THR B 131 -6.81 16.81 -8.79
C THR B 131 -6.69 15.50 -9.57
N PRO B 132 -7.50 15.35 -10.63
CA PRO B 132 -7.46 14.09 -11.38
C PRO B 132 -6.17 13.86 -12.08
N VAL B 133 -5.72 12.60 -12.05
CA VAL B 133 -4.53 12.17 -12.76
C VAL B 133 -4.94 11.04 -13.70
N GLY B 134 -4.94 11.33 -14.98
CA GLY B 134 -5.40 10.37 -15.97
C GLY B 134 -4.26 9.38 -16.14
N ASN B 135 -4.59 8.10 -16.20
CA ASN B 135 -3.56 7.08 -16.27
C ASN B 135 -3.47 6.49 -17.67
N GLY B 136 -2.40 6.91 -18.37
CA GLY B 136 -2.05 6.40 -19.67
C GLY B 136 -0.70 5.71 -19.61
N VAL B 137 -0.41 5.05 -18.46
CA VAL B 137 0.83 4.33 -18.35
C VAL B 137 0.52 2.92 -18.77
N LEU B 138 1.07 2.48 -19.87
CA LEU B 138 0.78 1.13 -20.30
C LEU B 138 1.58 0.12 -19.44
N THR B 139 0.94 -0.97 -19.04
CA THR B 139 1.65 -2.02 -18.32
C THR B 139 1.40 -3.32 -19.04
N THR B 140 2.35 -3.73 -19.89
CA THR B 140 2.10 -4.85 -20.78
C THR B 140 3.05 -5.97 -20.65
N ASN B 141 2.64 -7.14 -21.15
CA ASN B 141 3.53 -8.29 -21.19
C ASN B 141 4.46 -8.29 -22.38
N THR B 142 3.98 -7.73 -23.50
CA THR B 142 4.72 -7.70 -24.75
C THR B 142 4.73 -6.30 -25.35
N GLU B 143 5.74 -6.07 -26.20
CA GLU B 143 5.81 -4.84 -26.99
C GLU B 143 4.61 -4.70 -27.93
N LYS B 144 4.26 -5.78 -28.62
CA LYS B 144 3.12 -5.67 -29.54
C LYS B 144 1.85 -5.16 -28.81
N GLN B 145 1.64 -5.66 -27.59
CA GLN B 145 0.50 -5.23 -26.78
C GLN B 145 0.52 -3.72 -26.50
N ALA B 146 1.72 -3.22 -26.21
CA ALA B 146 1.90 -1.79 -25.98
C ALA B 146 1.61 -0.98 -27.23
N LEU B 147 2.17 -1.42 -28.35
CA LEU B 147 1.99 -0.76 -29.66
C LEU B 147 0.52 -0.75 -30.03
N ASP B 148 -0.21 -1.77 -29.62
CA ASP B 148 -1.66 -1.86 -29.96
C ASP B 148 -2.57 -0.92 -29.14
N ARG B 149 -2.00 -0.35 -28.08
CA ARG B 149 -2.71 0.51 -27.17
C ARG B 149 -2.13 1.96 -27.20
N ALA B 150 -1.24 2.27 -28.15
CA ALA B 150 -0.46 3.53 -28.13
C ALA B 150 -1.07 4.61 -29.02
N GLY B 151 -2.17 4.28 -29.71
CA GLY B 151 -2.82 5.26 -30.58
C GLY B 151 -2.02 5.50 -31.86
N LEU B 152 -1.28 4.48 -32.32
CA LEU B 152 -0.69 4.53 -33.64
C LEU B 152 -1.77 4.27 -34.71
N PRO B 153 -1.46 4.59 -35.98
CA PRO B 153 -2.45 4.47 -37.05
C PRO B 153 -3.28 3.20 -36.95
N THR B 154 -2.60 2.10 -36.70
CA THR B 154 -3.24 0.80 -36.71
C THR B 154 -3.51 0.23 -35.32
N SER B 155 -3.32 1.01 -34.25
CA SER B 155 -3.56 0.54 -32.89
C SER B 155 -5.02 0.32 -32.63
N ALA B 156 -5.32 -0.73 -31.86
CA ALA B 156 -6.68 -1.01 -31.40
C ALA B 156 -7.16 0.11 -30.48
N GLU B 157 -6.26 0.70 -29.67
CA GLU B 157 -6.67 1.73 -28.71
C GLU B 157 -5.70 2.87 -28.64
N ASP B 158 -6.23 3.99 -28.15
CA ASP B 158 -5.51 5.26 -28.01
C ASP B 158 -5.56 5.63 -26.54
N LYS B 159 -4.64 5.07 -25.76
CA LYS B 159 -4.64 5.22 -24.31
C LYS B 159 -4.28 6.63 -23.86
N GLY B 160 -3.48 7.36 -24.66
CA GLY B 160 -3.23 8.76 -24.38
C GLY B 160 -4.50 9.59 -24.48
N ALA B 161 -5.29 9.34 -25.53
CA ALA B 161 -6.53 10.07 -25.70
C ALA B 161 -7.44 9.70 -24.55
N GLN B 162 -7.51 8.42 -24.21
CA GLN B 162 -8.39 7.99 -23.08
C GLN B 162 -8.00 8.62 -21.75
N ALA B 163 -6.70 8.64 -21.45
CA ALA B 163 -6.21 9.32 -20.23
C ALA B 163 -6.48 10.83 -20.20
N ALA B 164 -6.33 11.53 -21.32
CA ALA B 164 -6.64 12.95 -21.39
C ALA B 164 -8.15 13.20 -21.18
N ALA B 165 -8.99 12.42 -21.85
CA ALA B 165 -10.43 12.48 -21.65
C ALA B 165 -10.83 12.26 -20.20
N ALA B 166 -10.23 11.26 -19.57
CA ALA B 166 -10.47 10.94 -18.16
C ALA B 166 -10.13 12.11 -17.24
N ALA B 167 -8.94 12.66 -17.40
CA ALA B 167 -8.48 13.71 -16.51
C ALA B 167 -9.34 14.99 -16.68
N LEU B 168 -9.57 15.39 -17.93
CA LEU B 168 -10.35 16.58 -18.24
C LEU B 168 -11.81 16.48 -17.82
N THR B 169 -12.49 15.40 -18.19
CA THR B 169 -13.89 15.26 -17.81
C THR B 169 -14.08 15.20 -16.28
N THR B 170 -13.12 14.63 -15.57
CA THR B 170 -13.19 14.53 -14.11
C THR B 170 -12.92 15.93 -13.52
N ALA B 171 -11.99 16.66 -14.14
CA ALA B 171 -11.68 18.01 -13.72
C ALA B 171 -12.93 18.87 -13.80
N LEU B 172 -13.72 18.70 -14.85
CA LEU B 172 -14.95 19.50 -15.01
C LEU B 172 -16.00 19.12 -13.97
N THR B 173 -16.11 17.83 -13.71
CA THR B 173 -17.01 17.33 -12.70
C THR B 173 -16.67 17.94 -11.33
N LEU B 174 -15.39 17.88 -10.92
CA LEU B 174 -15.01 18.49 -9.66
C LEU B 174 -15.39 20.00 -9.63
N LEU B 175 -15.15 20.71 -10.75
CA LEU B 175 -15.45 22.15 -10.83
C LEU B 175 -16.92 22.43 -10.60
N ASN B 176 -17.77 21.60 -11.21
CA ASN B 176 -19.21 21.67 -10.99
C ASN B 176 -19.54 21.36 -9.51
N LEU B 177 -18.98 20.29 -8.96
CA LEU B 177 -19.25 19.94 -7.55
C LEU B 177 -18.84 21.07 -6.61
N ARG B 178 -17.74 21.73 -6.90
CA ARG B 178 -17.29 22.87 -6.09
C ARG B 178 -18.07 24.17 -6.30
N SER B 179 -18.81 24.29 -7.40
CA SER B 179 -19.43 25.58 -7.82
C SER B 179 -20.47 26.21 -6.88
N ARG B 180 -21.26 25.42 -6.16
CA ARG B 180 -22.14 25.99 -5.12
C ARG B 180 -23.00 24.93 -4.47
N GLY C 33 33.50 -5.27 13.63
CA GLY C 33 32.94 -5.00 14.99
C GLY C 33 32.11 -3.73 14.99
N ILE C 34 30.82 -3.86 15.33
CA ILE C 34 29.94 -2.70 15.47
C ILE C 34 30.14 -2.12 16.86
N ASP C 35 30.39 -0.82 16.99
CA ASP C 35 30.38 -0.23 18.32
C ASP C 35 29.18 0.71 18.53
N ALA C 36 28.14 0.19 19.19
CA ALA C 36 26.89 0.92 19.33
C ALA C 36 26.60 1.37 20.77
N SER C 37 27.60 1.42 21.64
CA SER C 37 27.31 1.71 23.05
C SER C 37 26.50 2.99 23.27
N GLY C 38 26.64 4.00 22.42
CA GLY C 38 25.82 5.22 22.59
C GLY C 38 24.30 5.14 22.35
N LEU C 39 23.83 4.05 21.74
CA LEU C 39 22.47 3.99 21.15
C LEU C 39 21.41 3.24 21.98
N ARG C 40 20.16 3.67 21.86
CA ARG C 40 19.04 3.04 22.55
C ARG C 40 18.42 2.05 21.56
N LEU C 41 18.35 0.78 21.93
CA LEU C 41 17.77 -0.25 21.07
C LEU C 41 16.51 -0.89 21.65
N GLY C 42 15.44 -0.90 20.86
CA GLY C 42 14.26 -1.65 21.18
C GLY C 42 14.23 -2.95 20.41
N ILE C 43 13.78 -4.02 21.06
CA ILE C 43 13.56 -5.28 20.38
CA ILE C 43 13.56 -5.28 20.38
C ILE C 43 12.14 -5.74 20.68
N VAL C 44 11.36 -6.03 19.64
CA VAL C 44 10.03 -6.59 19.82
C VAL C 44 10.04 -7.98 19.21
N ALA C 45 9.65 -8.99 19.99
CA ALA C 45 9.60 -10.34 19.44
C ALA C 45 8.22 -10.98 19.65
N SER C 46 7.60 -11.52 18.60
CA SER C 46 6.38 -12.31 18.79
C SER C 46 6.67 -13.62 19.52
N THR C 47 5.60 -14.31 19.94
CA THR C 47 5.67 -15.51 20.77
CA THR C 47 5.71 -15.53 20.75
C THR C 47 5.08 -16.77 20.06
N TRP C 48 4.18 -16.58 19.08
CA TRP C 48 3.72 -17.66 18.23
CA TRP C 48 3.71 -17.70 18.25
C TRP C 48 4.91 -18.43 17.60
N HIS C 49 4.93 -19.75 17.76
CA HIS C 49 6.11 -20.61 17.61
CA HIS C 49 6.13 -20.57 17.50
C HIS C 49 7.30 -20.16 18.42
N SER C 50 7.23 -20.53 19.69
CA SER C 50 8.12 -19.92 20.70
C SER C 50 9.58 -20.35 20.59
N ARG C 51 9.79 -21.60 20.18
CA ARG C 51 11.14 -22.12 19.93
C ARG C 51 11.91 -21.24 18.94
N ILE C 52 11.27 -20.95 17.83
CA ILE C 52 11.83 -20.07 16.80
C ILE C 52 11.99 -18.61 17.27
N CYS C 53 10.93 -18.04 17.86
CA CYS C 53 10.97 -16.67 18.30
C CYS C 53 12.09 -16.45 19.33
N ASP C 54 12.17 -17.33 20.33
CA ASP C 54 13.20 -17.26 21.35
C ASP C 54 14.62 -17.28 20.78
N ALA C 55 14.84 -18.08 19.75
CA ALA C 55 16.14 -18.18 19.07
C ALA C 55 16.47 -16.90 18.26
N LEU C 56 15.44 -16.31 17.66
CA LEU C 56 15.59 -15.07 16.92
C LEU C 56 15.97 -13.99 17.90
N LEU C 57 15.26 -13.94 19.03
CA LEU C 57 15.55 -12.99 20.08
C LEU C 57 16.98 -13.18 20.66
N ALA C 58 17.36 -14.42 20.94
CA ALA C 58 18.73 -14.73 21.42
C ALA C 58 19.83 -14.27 20.45
N GLY C 59 19.63 -14.51 19.16
CA GLY C 59 20.54 -14.02 18.13
C GLY C 59 20.61 -12.51 18.07
N ALA C 60 19.50 -11.81 18.18
CA ALA C 60 19.54 -10.33 18.29
C ALA C 60 20.26 -9.76 19.55
N ARG C 61 19.96 -10.30 20.74
CA ARG C 61 20.58 -9.89 21.99
C ARG C 61 22.09 -10.00 21.92
N LYS C 62 22.57 -11.12 21.38
CA LYS C 62 23.98 -11.39 21.23
C LYS C 62 24.67 -10.31 20.40
N VAL C 63 24.14 -10.03 19.20
CA VAL C 63 24.69 -8.93 18.38
C VAL C 63 24.67 -7.63 19.18
N ALA C 64 23.57 -7.35 19.86
CA ALA C 64 23.50 -6.12 20.64
C ALA C 64 24.57 -6.12 21.71
N ALA C 65 24.71 -7.23 22.43
CA ALA C 65 25.67 -7.27 23.51
C ALA C 65 27.05 -7.11 22.92
N ASP C 66 27.32 -7.82 21.82
CA ASP C 66 28.62 -7.75 21.15
C ASP C 66 28.92 -6.36 20.61
N SER C 67 27.87 -5.57 20.42
CA SER C 67 27.98 -4.19 19.99
C SER C 67 28.01 -3.13 21.10
N GLY C 68 28.06 -3.57 22.36
CA GLY C 68 28.14 -2.67 23.48
C GLY C 68 26.80 -2.27 24.08
N ILE C 69 25.72 -2.98 23.72
CA ILE C 69 24.39 -2.72 24.30
C ILE C 69 23.90 -3.96 25.09
N ASP C 70 24.16 -3.96 26.41
CA ASP C 70 23.78 -5.11 27.26
C ASP C 70 22.32 -5.09 27.70
N GLY C 71 21.65 -3.95 27.57
CA GLY C 71 20.33 -3.78 28.16
C GLY C 71 19.29 -3.14 27.26
N PRO C 72 19.02 -3.75 26.10
CA PRO C 72 18.02 -3.20 25.17
C PRO C 72 16.64 -3.36 25.75
N THR C 73 15.68 -2.55 25.27
CA THR C 73 14.31 -2.67 25.68
C THR C 73 13.75 -3.83 24.89
N VAL C 74 13.38 -4.90 25.60
CA VAL C 74 12.82 -6.08 24.94
C VAL C 74 11.36 -6.19 25.35
N VAL C 75 10.49 -6.37 24.34
CA VAL C 75 9.06 -6.44 24.55
C VAL C 75 8.54 -7.63 23.73
N ARG C 76 7.63 -8.44 24.30
CA ARG C 76 7.05 -9.61 23.62
C ARG C 76 5.61 -9.33 23.19
N VAL C 77 5.24 -9.85 22.05
CA VAL C 77 3.84 -9.80 21.63
C VAL C 77 3.42 -11.18 21.16
N LEU C 78 2.10 -11.35 20.97
CA LEU C 78 1.56 -12.64 20.66
C LEU C 78 1.98 -13.14 19.29
N GLY C 79 1.61 -12.41 18.25
CA GLY C 79 1.89 -12.82 16.89
C GLY C 79 2.43 -11.67 16.07
N ALA C 80 2.77 -11.97 14.84
CA ALA C 80 3.35 -10.99 13.92
C ALA C 80 2.51 -9.73 13.74
N ILE C 81 1.20 -9.90 13.72
CA ILE C 81 0.24 -8.80 13.55
CA ILE C 81 0.30 -8.77 13.50
C ILE C 81 0.42 -7.72 14.62
N GLU C 82 0.86 -8.15 15.79
CA GLU C 82 0.95 -7.26 16.94
C GLU C 82 2.23 -6.44 16.93
N ILE C 83 3.17 -6.89 16.10
CA ILE C 83 4.51 -6.31 16.09
C ILE C 83 4.53 -4.83 15.71
N PRO C 84 3.88 -4.46 14.62
CA PRO C 84 4.05 -3.06 14.18
C PRO C 84 3.68 -1.93 15.21
N VAL C 85 2.57 -2.06 15.94
CA VAL C 85 2.17 -0.99 16.85
C VAL C 85 3.20 -0.83 17.95
N VAL C 86 3.81 -1.94 18.36
CA VAL C 86 4.84 -1.92 19.39
C VAL C 86 6.19 -1.44 18.85
N VAL C 87 6.53 -1.85 17.63
CA VAL C 87 7.69 -1.28 16.93
C VAL C 87 7.63 0.26 16.82
N GLN C 88 6.46 0.79 16.49
CA GLN C 88 6.23 2.23 16.50
C GLN C 88 6.43 2.85 17.88
N GLU C 89 5.83 2.23 18.90
CA GLU C 89 5.94 2.71 20.25
C GLU C 89 7.39 2.77 20.68
N LEU C 90 8.16 1.75 20.28
CA LEU C 90 9.58 1.76 20.60
C LEU C 90 10.38 2.74 19.72
N ALA C 91 10.04 2.85 18.45
CA ALA C 91 10.83 3.66 17.53
C ALA C 91 10.83 5.11 17.96
N ARG C 92 9.74 5.54 18.59
CA ARG C 92 9.66 6.92 19.05
C ARG C 92 10.69 7.32 20.11
N HIS C 93 11.21 6.34 20.85
CA HIS C 93 12.09 6.62 21.97
C HIS C 93 13.41 5.90 21.92
N HIS C 94 13.71 5.28 20.78
CA HIS C 94 14.92 4.48 20.61
C HIS C 94 15.56 4.83 19.30
N ASP C 95 16.87 4.59 19.19
CA ASP C 95 17.64 4.90 17.97
C ASP C 95 17.56 3.81 16.91
N ALA C 96 17.16 2.62 17.33
CA ALA C 96 17.06 1.48 16.45
C ALA C 96 16.04 0.49 17.04
N VAL C 97 15.26 -0.14 16.16
CA VAL C 97 14.35 -1.19 16.61
C VAL C 97 14.53 -2.46 15.77
N VAL C 98 14.47 -3.62 16.44
CA VAL C 98 14.51 -4.94 15.78
C VAL C 98 13.15 -5.60 15.98
N ALA C 99 12.55 -5.99 14.86
CA ALA C 99 11.28 -6.69 14.82
C ALA C 99 11.53 -8.16 14.52
N LEU C 100 11.18 -9.05 15.45
CA LEU C 100 11.41 -10.49 15.26
C LEU C 100 10.14 -11.29 15.41
N GLY C 101 10.00 -12.33 14.61
CA GLY C 101 8.79 -13.15 14.69
C GLY C 101 8.80 -14.11 13.55
N VAL C 102 7.79 -14.97 13.48
CA VAL C 102 7.68 -15.95 12.39
C VAL C 102 6.22 -16.18 11.98
N VAL C 103 6.01 -16.14 10.67
CA VAL C 103 4.71 -16.48 10.09
C VAL C 103 5.01 -17.59 9.12
N ILE C 104 4.28 -18.70 9.30
CA ILE C 104 4.44 -19.88 8.46
C ILE C 104 3.12 -20.10 7.71
N ARG C 105 3.20 -20.31 6.40
CA ARG C 105 2.00 -20.48 5.60
C ARG C 105 1.16 -21.62 6.15
N GLY C 106 -0.13 -21.39 6.32
CA GLY C 106 -1.05 -22.49 6.59
C GLY C 106 -1.87 -22.88 5.40
N ASP C 107 -3.19 -23.01 5.62
CA ASP C 107 -4.09 -23.52 4.58
C ASP C 107 -4.62 -22.38 3.66
N THR C 108 -4.73 -21.17 4.19
CA THR C 108 -5.56 -20.13 3.59
C THR C 108 -4.67 -18.99 3.12
N PRO C 109 -5.24 -18.03 2.38
CA PRO C 109 -4.52 -16.82 2.02
C PRO C 109 -4.14 -15.88 3.16
N HIS C 110 -4.62 -16.15 4.39
CA HIS C 110 -4.25 -15.32 5.58
C HIS C 110 -2.77 -14.99 5.62
N PHE C 111 -1.92 -15.97 5.32
CA PHE C 111 -0.46 -15.79 5.30
C PHE C 111 -0.07 -14.56 4.49
N ASP C 112 -0.64 -14.49 3.28
CA ASP C 112 -0.20 -13.52 2.30
C ASP C 112 -0.54 -12.14 2.79
N TYR C 113 -1.74 -11.97 3.34
CA TYR C 113 -2.17 -10.60 3.70
C TYR C 113 -1.51 -10.15 4.99
N VAL C 114 -1.32 -11.04 5.96
CA VAL C 114 -0.51 -10.72 7.12
C VAL C 114 0.94 -10.37 6.82
N CYS C 115 1.60 -11.12 5.97
CA CYS C 115 3.00 -10.87 5.73
C CYS C 115 3.19 -9.54 5.02
N ASN C 116 2.31 -9.26 4.08
CA ASN C 116 2.42 -8.04 3.31
C ASN C 116 2.09 -6.82 4.16
N SER C 117 1.05 -6.90 4.99
CA SER C 117 0.66 -5.77 5.82
CA SER C 117 0.67 -5.77 5.83
C SER C 117 1.74 -5.50 6.88
N VAL C 118 2.17 -6.56 7.59
CA VAL C 118 3.20 -6.38 8.62
C VAL C 118 4.49 -5.80 8.01
N THR C 119 4.91 -6.32 6.87
CA THR C 119 6.15 -5.90 6.27
C THR C 119 6.08 -4.43 5.86
N GLN C 120 4.93 -3.98 5.39
CA GLN C 120 4.77 -2.60 4.95
C GLN C 120 4.56 -1.67 6.14
N GLY C 121 4.01 -2.21 7.21
CA GLY C 121 3.93 -1.47 8.46
C GLY C 121 5.33 -1.18 8.97
N LEU C 122 6.21 -2.16 8.91
CA LEU C 122 7.59 -1.97 9.40
C LEU C 122 8.29 -0.90 8.57
N THR C 123 8.00 -0.87 7.26
CA THR C 123 8.58 0.14 6.36
C THR C 123 8.00 1.50 6.63
N ARG C 124 6.69 1.58 6.87
CA ARG C 124 6.04 2.83 7.16
C ARG C 124 6.65 3.44 8.40
N ILE C 125 6.77 2.67 9.46
CA ILE C 125 7.26 3.16 10.79
C ILE C 125 8.69 3.73 10.70
N ALA C 126 9.59 2.99 10.06
CA ALA C 126 10.96 3.45 9.95
C ALA C 126 11.00 4.82 9.27
N LEU C 127 10.10 5.02 8.29
CA LEU C 127 10.09 6.27 7.55
C LEU C 127 9.43 7.35 8.35
N ASP C 128 8.23 7.08 8.90
CA ASP C 128 7.55 8.01 9.77
C ASP C 128 8.45 8.49 10.92
N THR C 129 9.24 7.60 11.51
CA THR C 129 10.00 7.91 12.72
C THR C 129 11.48 8.17 12.42
N SER C 130 11.86 8.07 11.15
CA SER C 130 13.25 8.22 10.71
C SER C 130 14.16 7.37 11.60
N THR C 131 13.67 6.17 11.93
CA THR C 131 14.40 5.20 12.81
C THR C 131 14.55 3.85 12.10
N PRO C 132 15.79 3.27 12.03
CA PRO C 132 15.92 1.96 11.40
C PRO C 132 15.10 0.89 12.12
N VAL C 133 14.40 0.05 11.32
CA VAL C 133 13.69 -1.13 11.81
C VAL C 133 14.28 -2.38 11.14
N GLY C 134 15.05 -3.13 11.91
CA GLY C 134 15.62 -4.37 11.47
C GLY C 134 14.52 -5.38 11.30
N ASN C 135 14.44 -5.98 10.14
CA ASN C 135 13.39 -6.96 9.89
C ASN C 135 13.90 -8.38 10.06
N GLY C 136 13.58 -8.95 11.21
CA GLY C 136 13.79 -10.37 11.43
C GLY C 136 12.48 -11.14 11.57
N VAL C 137 11.48 -10.74 10.81
CA VAL C 137 10.22 -11.46 10.75
C VAL C 137 10.30 -12.42 9.60
N LEU C 138 10.40 -13.70 9.95
CA LEU C 138 10.47 -14.77 8.97
C LEU C 138 9.09 -15.00 8.41
N THR C 139 9.05 -15.13 7.08
CA THR C 139 7.83 -15.34 6.35
C THR C 139 8.10 -16.59 5.50
N THR C 140 7.78 -17.76 6.06
CA THR C 140 8.16 -19.03 5.42
C THR C 140 6.96 -19.87 4.98
N ASN C 141 7.22 -20.77 4.05
CA ASN C 141 6.21 -21.76 3.60
C ASN C 141 6.14 -22.96 4.49
N THR C 142 7.26 -23.31 5.11
CA THR C 142 7.32 -24.49 5.98
C THR C 142 8.00 -24.14 7.27
N GLU C 143 7.77 -24.98 8.27
CA GLU C 143 8.42 -24.80 9.55
C GLU C 143 9.91 -25.11 9.44
N LYS C 144 10.29 -26.10 8.65
CA LYS C 144 11.69 -26.41 8.54
C LYS C 144 12.44 -25.21 7.98
N GLN C 145 11.81 -24.44 7.09
CA GLN C 145 12.46 -23.21 6.60
C GLN C 145 12.71 -22.19 7.68
N ALA C 146 11.72 -22.02 8.57
CA ALA C 146 11.83 -21.04 9.64
C ALA C 146 12.92 -21.47 10.63
N LEU C 147 12.89 -22.73 11.04
CA LEU C 147 13.90 -23.26 11.95
C LEU C 147 15.29 -23.09 11.33
N ASP C 148 15.39 -23.29 10.03
CA ASP C 148 16.70 -23.20 9.39
C ASP C 148 17.24 -21.73 9.34
N ARG C 149 16.38 -20.78 9.69
CA ARG C 149 16.72 -19.37 9.66
C ARG C 149 16.73 -18.74 11.03
N ALA C 150 16.54 -19.54 12.08
CA ALA C 150 16.28 -18.98 13.40
C ALA C 150 17.55 -18.85 14.25
N GLY C 151 18.70 -19.19 13.69
CA GLY C 151 19.94 -19.20 14.47
C GLY C 151 19.94 -20.21 15.61
N LEU C 152 19.32 -21.36 15.39
CA LEU C 152 19.53 -22.49 16.28
C LEU C 152 20.84 -23.18 15.87
N PRO C 153 21.39 -24.02 16.76
CA PRO C 153 22.75 -24.55 16.53
C PRO C 153 22.88 -25.19 15.14
N THR C 154 21.80 -25.86 14.75
CA THR C 154 21.62 -26.50 13.44
C THR C 154 21.23 -25.58 12.23
N SER C 155 20.89 -24.34 12.49
CA SER C 155 20.37 -23.45 11.46
C SER C 155 21.44 -23.00 10.46
N ALA C 156 21.06 -22.84 9.19
CA ALA C 156 21.89 -22.19 8.17
C ALA C 156 22.15 -20.70 8.43
N GLU C 157 21.14 -20.00 8.95
CA GLU C 157 21.19 -18.55 9.10
C GLU C 157 20.60 -18.10 10.43
N ASP C 158 21.03 -16.91 10.85
CA ASP C 158 20.70 -16.37 12.16
C ASP C 158 20.01 -15.03 11.89
N LYS C 159 18.70 -15.06 11.62
CA LYS C 159 18.03 -13.87 11.13
C LYS C 159 17.91 -12.79 12.19
N GLY C 160 17.86 -13.19 13.45
CA GLY C 160 17.81 -12.22 14.54
C GLY C 160 19.10 -11.43 14.60
N ALA C 161 20.22 -12.12 14.38
CA ALA C 161 21.52 -11.45 14.36
C ALA C 161 21.60 -10.51 13.16
N GLN C 162 21.22 -10.97 11.96
CA GLN C 162 21.22 -10.08 10.79
C GLN C 162 20.31 -8.84 10.98
N ALA C 163 19.11 -9.03 11.53
CA ALA C 163 18.21 -7.89 11.82
C ALA C 163 18.76 -6.94 12.89
N ALA C 164 19.54 -7.44 13.85
CA ALA C 164 20.15 -6.51 14.79
C ALA C 164 21.35 -5.79 14.20
N ALA C 165 22.15 -6.47 13.37
CA ALA C 165 23.27 -5.83 12.74
C ALA C 165 22.80 -4.74 11.76
N ALA C 166 21.70 -5.04 11.04
CA ALA C 166 21.10 -4.11 10.11
C ALA C 166 20.67 -2.78 10.77
N ALA C 167 19.89 -2.91 11.84
CA ALA C 167 19.32 -1.81 12.57
C ALA C 167 20.39 -0.98 13.21
N LEU C 168 21.34 -1.61 13.88
CA LEU C 168 22.42 -0.87 14.54
C LEU C 168 23.37 -0.18 13.54
N THR C 169 23.84 -0.91 12.53
CA THR C 169 24.70 -0.26 11.53
C THR C 169 23.99 0.91 10.88
N THR C 170 22.70 0.77 10.57
CA THR C 170 21.97 1.88 9.99
C THR C 170 21.82 3.11 10.93
N ALA C 171 21.59 2.87 12.22
CA ALA C 171 21.48 3.98 13.18
C ALA C 171 22.77 4.76 13.33
N LEU C 172 23.91 4.08 13.34
CA LEU C 172 25.23 4.75 13.39
C LEU C 172 25.46 5.59 12.10
N THR C 173 25.03 5.06 10.97
CA THR C 173 25.06 5.79 9.71
C THR C 173 24.18 7.03 9.75
N LEU C 174 22.96 6.88 10.25
CA LEU C 174 22.07 8.04 10.32
C LEU C 174 22.72 9.04 11.27
N LEU C 175 23.26 8.57 12.39
CA LEU C 175 23.90 9.47 13.35
C LEU C 175 25.02 10.28 12.71
N ASN C 176 25.88 9.60 11.98
CA ASN C 176 26.94 10.21 11.25
C ASN C 176 26.41 11.27 10.28
N LEU C 177 25.35 10.94 9.56
CA LEU C 177 24.83 11.87 8.56
C LEU C 177 24.33 13.15 9.22
N ARG C 178 23.69 12.99 10.37
CA ARG C 178 23.07 14.12 11.06
C ARG C 178 24.11 15.02 11.73
N SER C 179 25.28 14.46 12.06
CA SER C 179 26.37 15.24 12.68
C SER C 179 27.10 16.12 11.66
N ARG C 180 26.74 16.01 10.40
CA ARG C 180 27.36 16.82 9.37
C ARG C 180 26.60 18.09 9.11
N ILE C 181 25.41 18.25 9.70
CA ILE C 181 24.54 19.41 9.39
C ILE C 181 24.68 20.46 10.49
N ILE D 34 -4.57 -12.88 31.86
CA ILE D 34 -4.78 -11.46 31.44
C ILE D 34 -5.76 -10.73 32.40
N ASP D 35 -5.29 -9.73 33.16
CA ASP D 35 -6.20 -8.79 33.85
C ASP D 35 -6.29 -7.53 33.01
N ALA D 36 -7.43 -7.32 32.34
CA ALA D 36 -7.66 -6.16 31.49
C ALA D 36 -8.78 -5.25 32.02
N SER D 37 -9.19 -5.45 33.29
CA SER D 37 -10.28 -4.65 33.91
C SER D 37 -10.24 -3.16 33.63
N GLY D 38 -9.06 -2.58 33.64
CA GLY D 38 -8.94 -1.13 33.44
C GLY D 38 -9.11 -0.66 32.00
N LEU D 39 -9.01 -1.59 31.04
CA LEU D 39 -8.99 -1.23 29.62
C LEU D 39 -10.39 -1.15 29.01
N ARG D 40 -10.55 -0.15 28.15
CA ARG D 40 -11.71 -0.01 27.30
C ARG D 40 -11.48 -0.83 26.02
N LEU D 41 -12.43 -1.71 25.71
CA LEU D 41 -12.32 -2.61 24.56
C LEU D 41 -13.45 -2.42 23.60
N GLY D 42 -13.12 -2.29 22.32
CA GLY D 42 -14.12 -2.23 21.25
C GLY D 42 -14.07 -3.49 20.42
N ILE D 43 -15.23 -3.95 19.96
CA ILE D 43 -15.29 -5.09 19.04
C ILE D 43 -16.25 -4.69 17.91
N VAL D 44 -15.78 -4.89 16.69
CA VAL D 44 -16.51 -4.66 15.47
C VAL D 44 -16.56 -6.02 14.76
N ALA D 45 -17.75 -6.55 14.54
CA ALA D 45 -17.94 -7.83 13.84
C ALA D 45 -18.93 -7.66 12.70
N SER D 46 -18.55 -8.17 11.54
CA SER D 46 -19.44 -8.16 10.40
CA SER D 46 -19.39 -8.25 10.36
C SER D 46 -20.57 -9.15 10.67
N THR D 47 -21.57 -9.16 9.79
CA THR D 47 -22.74 -9.96 10.03
C THR D 47 -22.99 -10.87 8.84
N TRP D 48 -22.27 -10.63 7.76
CA TRP D 48 -22.31 -11.49 6.62
C TRP D 48 -21.70 -12.85 6.98
N HIS D 49 -22.46 -13.89 6.68
CA HIS D 49 -22.21 -15.22 7.18
C HIS D 49 -22.25 -15.28 8.69
N SER D 50 -23.47 -15.43 9.22
CA SER D 50 -23.74 -15.27 10.63
C SER D 50 -23.23 -16.42 11.49
N ARG D 51 -23.21 -17.61 10.94
CA ARG D 51 -22.65 -18.73 11.67
C ARG D 51 -21.20 -18.44 12.04
N ILE D 52 -20.48 -17.91 11.09
CA ILE D 52 -19.07 -17.60 11.29
CA ILE D 52 -19.07 -17.63 11.31
C ILE D 52 -18.91 -16.37 12.17
N CYS D 53 -19.62 -15.30 11.78
CA CYS D 53 -19.42 -14.03 12.46
C CYS D 53 -19.90 -14.08 13.89
N ASP D 54 -21.05 -14.71 14.14
CA ASP D 54 -21.56 -14.81 15.50
C ASP D 54 -20.60 -15.62 16.43
N ALA D 55 -20.02 -16.67 15.88
CA ALA D 55 -19.11 -17.53 16.63
C ALA D 55 -17.78 -16.83 16.92
N LEU D 56 -17.30 -16.00 16.00
CA LEU D 56 -16.11 -15.21 16.24
C LEU D 56 -16.35 -14.20 17.36
N LEU D 57 -17.51 -13.56 17.30
CA LEU D 57 -17.84 -12.55 18.28
C LEU D 57 -17.95 -13.20 19.66
N ALA D 58 -18.50 -14.39 19.70
CA ALA D 58 -18.71 -15.08 20.97
C ALA D 58 -17.39 -15.52 21.56
N GLY D 59 -16.45 -16.00 20.73
CA GLY D 59 -15.10 -16.29 21.23
C GLY D 59 -14.34 -15.08 21.72
N ALA D 60 -14.50 -13.92 21.06
CA ALA D 60 -13.86 -12.68 21.55
C ALA D 60 -14.47 -12.21 22.86
N ARG D 61 -15.80 -12.26 22.96
CA ARG D 61 -16.48 -11.87 24.17
C ARG D 61 -16.01 -12.70 25.38
N LYS D 62 -15.79 -13.99 25.18
CA LYS D 62 -15.40 -14.89 26.26
C LYS D 62 -14.02 -14.53 26.78
N VAL D 63 -13.08 -14.23 25.88
CA VAL D 63 -11.75 -13.75 26.31
C VAL D 63 -11.88 -12.46 27.06
N ALA D 64 -12.69 -11.54 26.56
CA ALA D 64 -12.81 -10.25 27.20
C ALA D 64 -13.41 -10.47 28.61
N ALA D 65 -14.43 -11.32 28.71
CA ALA D 65 -15.02 -11.60 30.00
C ALA D 65 -13.99 -12.27 30.92
N ASP D 66 -13.33 -13.32 30.43
CA ASP D 66 -12.26 -13.98 31.20
C ASP D 66 -11.11 -13.08 31.63
N SER D 67 -10.88 -11.98 30.90
CA SER D 67 -9.89 -10.95 31.26
C SER D 67 -10.44 -9.79 32.12
N GLY D 68 -11.70 -9.89 32.54
CA GLY D 68 -12.33 -8.88 33.37
C GLY D 68 -13.01 -7.74 32.61
N ILE D 69 -13.29 -7.91 31.33
CA ILE D 69 -14.04 -6.91 30.58
C ILE D 69 -15.40 -7.50 30.24
N ASP D 70 -16.39 -7.14 31.03
CA ASP D 70 -17.73 -7.67 30.84
C ASP D 70 -18.54 -6.86 29.84
N GLY D 71 -18.23 -5.57 29.69
CA GLY D 71 -19.04 -4.69 28.83
C GLY D 71 -18.24 -4.00 27.75
N PRO D 72 -17.72 -4.75 26.78
CA PRO D 72 -17.00 -4.09 25.71
C PRO D 72 -17.98 -3.41 24.78
N THR D 73 -17.52 -2.40 24.06
CA THR D 73 -18.37 -1.76 23.08
C THR D 73 -18.44 -2.74 21.91
N VAL D 74 -19.64 -3.20 21.55
CA VAL D 74 -19.77 -4.14 20.45
C VAL D 74 -20.60 -3.50 19.36
N VAL D 75 -20.05 -3.53 18.15
CA VAL D 75 -20.60 -2.85 16.98
C VAL D 75 -20.69 -3.86 15.82
N ARG D 76 -21.84 -3.91 15.14
CA ARG D 76 -21.97 -4.82 14.00
C ARG D 76 -21.99 -4.07 12.69
N VAL D 77 -21.37 -4.65 11.67
CA VAL D 77 -21.43 -4.10 10.33
C VAL D 77 -21.85 -5.21 9.42
N LEU D 78 -22.25 -4.88 8.21
CA LEU D 78 -22.69 -5.89 7.25
C LEU D 78 -21.52 -6.78 6.79
N GLY D 79 -20.52 -6.17 6.18
CA GLY D 79 -19.40 -6.92 5.54
C GLY D 79 -18.03 -6.46 6.01
N ALA D 80 -16.99 -7.12 5.50
CA ALA D 80 -15.60 -6.83 5.93
C ALA D 80 -15.11 -5.47 5.47
N ILE D 81 -15.56 -5.06 4.29
CA ILE D 81 -15.17 -3.75 3.76
C ILE D 81 -15.54 -2.63 4.74
N GLU D 82 -16.64 -2.82 5.51
CA GLU D 82 -17.13 -1.76 6.41
C GLU D 82 -16.38 -1.74 7.76
N ILE D 83 -15.53 -2.72 8.01
CA ILE D 83 -14.91 -2.90 9.32
C ILE D 83 -13.88 -1.78 9.62
N PRO D 84 -13.02 -1.46 8.65
CA PRO D 84 -12.05 -0.36 8.91
C PRO D 84 -12.58 0.99 9.42
N VAL D 85 -13.59 1.57 8.77
CA VAL D 85 -14.06 2.89 9.22
C VAL D 85 -14.64 2.84 10.66
N VAL D 86 -15.24 1.72 11.03
CA VAL D 86 -15.75 1.53 12.38
C VAL D 86 -14.63 1.21 13.36
N VAL D 87 -13.72 0.36 12.94
CA VAL D 87 -12.59 0.12 13.79
C VAL D 87 -11.89 1.47 14.15
N GLN D 88 -11.76 2.35 13.16
CA GLN D 88 -11.09 3.63 13.36
C GLN D 88 -11.80 4.43 14.40
N GLU D 89 -13.12 4.45 14.29
CA GLU D 89 -13.94 5.17 15.26
C GLU D 89 -13.82 4.65 16.69
N LEU D 90 -13.84 3.33 16.82
CA LEU D 90 -13.64 2.69 18.12
C LEU D 90 -12.23 2.93 18.67
N ALA D 91 -11.23 2.87 17.82
CA ALA D 91 -9.83 2.97 18.27
C ALA D 91 -9.52 4.31 18.90
N ARG D 92 -10.12 5.36 18.37
CA ARG D 92 -9.93 6.69 18.90
C ARG D 92 -10.40 6.89 20.37
N HIS D 93 -11.28 6.03 20.90
CA HIS D 93 -11.80 6.15 22.28
C HIS D 93 -11.72 4.85 23.09
N HIS D 94 -10.90 3.92 22.65
CA HIS D 94 -10.70 2.68 23.37
C HIS D 94 -9.22 2.37 23.41
N ASP D 95 -8.83 1.46 24.30
CA ASP D 95 -7.44 1.07 24.44
C ASP D 95 -7.06 -0.11 23.52
N ALA D 96 -8.06 -0.81 23.02
CA ALA D 96 -7.86 -1.98 22.16
C ALA D 96 -9.11 -2.18 21.34
N VAL D 97 -8.95 -2.74 20.15
CA VAL D 97 -10.07 -3.01 19.30
C VAL D 97 -9.86 -4.39 18.65
N VAL D 98 -10.97 -5.09 18.47
CA VAL D 98 -10.97 -6.44 17.87
C VAL D 98 -11.81 -6.36 16.62
N ALA D 99 -11.24 -6.79 15.48
CA ALA D 99 -11.97 -6.77 14.20
C ALA D 99 -12.34 -8.17 13.78
N LEU D 100 -13.62 -8.39 13.48
CA LEU D 100 -14.07 -9.77 13.24
C LEU D 100 -14.95 -9.82 12.01
N GLY D 101 -14.65 -10.80 11.18
CA GLY D 101 -15.52 -11.10 10.07
C GLY D 101 -14.89 -12.17 9.25
N VAL D 102 -15.41 -12.31 8.06
CA VAL D 102 -14.96 -13.38 7.18
C VAL D 102 -15.16 -12.91 5.77
N VAL D 103 -14.14 -13.18 4.96
CA VAL D 103 -14.17 -13.01 3.52
C VAL D 103 -13.83 -14.41 2.98
N ILE D 104 -14.76 -14.97 2.23
CA ILE D 104 -14.52 -16.26 1.57
C ILE D 104 -14.37 -16.05 0.09
N ARG D 105 -13.36 -16.66 -0.53
CA ARG D 105 -13.15 -16.48 -1.96
C ARG D 105 -14.37 -16.91 -2.80
N GLY D 106 -14.70 -16.11 -3.79
CA GLY D 106 -15.80 -16.44 -4.71
C GLY D 106 -15.27 -16.78 -6.06
N ASP D 107 -15.92 -16.25 -7.08
CA ASP D 107 -15.57 -16.56 -8.45
C ASP D 107 -14.49 -15.62 -8.97
N THR D 108 -14.41 -14.41 -8.43
CA THR D 108 -13.65 -13.32 -9.11
C THR D 108 -12.48 -12.88 -8.25
N PRO D 109 -11.61 -12.01 -8.79
CA PRO D 109 -10.53 -11.35 -8.00
C PRO D 109 -10.97 -10.42 -6.83
N HIS D 110 -12.25 -10.11 -6.74
CA HIS D 110 -12.77 -9.33 -5.66
C HIS D 110 -12.16 -9.71 -4.31
N PHE D 111 -12.09 -11.01 -4.02
CA PHE D 111 -11.53 -11.52 -2.77
C PHE D 111 -10.16 -10.94 -2.54
N ASP D 112 -9.32 -10.99 -3.55
CA ASP D 112 -7.91 -10.57 -3.35
C ASP D 112 -7.87 -9.12 -2.92
N TYR D 113 -8.65 -8.27 -3.59
CA TYR D 113 -8.52 -6.82 -3.36
C TYR D 113 -9.18 -6.38 -2.07
N VAL D 114 -10.28 -7.04 -1.71
CA VAL D 114 -10.92 -6.81 -0.41
C VAL D 114 -10.00 -7.24 0.75
N CYS D 115 -9.44 -8.44 0.67
CA CYS D 115 -8.68 -8.95 1.82
C CYS D 115 -7.45 -8.09 2.01
N ASN D 116 -6.79 -7.78 0.91
CA ASN D 116 -5.61 -6.96 1.00
C ASN D 116 -5.91 -5.58 1.55
N SER D 117 -6.96 -4.96 1.02
CA SER D 117 -7.31 -3.60 1.41
CA SER D 117 -7.35 -3.60 1.42
C SER D 117 -7.77 -3.54 2.87
N VAL D 118 -8.67 -4.42 3.26
CA VAL D 118 -9.08 -4.50 4.67
C VAL D 118 -7.89 -4.77 5.60
N THR D 119 -7.10 -5.79 5.27
CA THR D 119 -6.03 -6.18 6.16
C THR D 119 -5.08 -4.98 6.38
N GLN D 120 -4.75 -4.30 5.31
CA GLN D 120 -3.84 -3.19 5.38
C GLN D 120 -4.47 -2.00 6.08
N GLY D 121 -5.76 -1.79 5.88
CA GLY D 121 -6.50 -0.83 6.65
C GLY D 121 -6.39 -1.01 8.17
N LEU D 122 -6.51 -2.25 8.64
CA LEU D 122 -6.41 -2.54 10.07
C LEU D 122 -5.01 -2.18 10.58
N THR D 123 -4.01 -2.37 9.75
CA THR D 123 -2.64 -2.04 10.14
C THR D 123 -2.49 -0.55 10.19
N ARG D 124 -3.01 0.13 9.18
CA ARG D 124 -2.97 1.57 9.18
C ARG D 124 -3.54 2.16 10.46
N ILE D 125 -4.71 1.65 10.85
CA ILE D 125 -5.47 2.21 12.00
C ILE D 125 -4.73 2.05 13.31
N ALA D 126 -4.20 0.85 13.53
CA ALA D 126 -3.38 0.53 14.70
C ALA D 126 -2.22 1.52 14.85
N LEU D 127 -1.60 1.85 13.71
CA LEU D 127 -0.45 2.74 13.68
C LEU D 127 -0.90 4.21 13.89
N ASP D 128 -1.89 4.65 13.10
CA ASP D 128 -2.43 6.02 13.23
C ASP D 128 -2.84 6.35 14.64
N THR D 129 -3.57 5.43 15.28
CA THR D 129 -4.12 5.65 16.61
C THR D 129 -3.27 5.09 17.73
N SER D 130 -2.11 4.50 17.41
CA SER D 130 -1.28 3.84 18.42
C SER D 130 -2.08 2.99 19.39
N THR D 131 -3.03 2.24 18.85
CA THR D 131 -3.96 1.38 19.60
C THR D 131 -3.98 0.04 18.91
N PRO D 132 -3.86 -1.09 19.65
CA PRO D 132 -3.88 -2.41 18.93
C PRO D 132 -5.23 -2.76 18.35
N VAL D 133 -5.19 -3.51 17.26
CA VAL D 133 -6.34 -3.90 16.50
C VAL D 133 -6.09 -5.38 16.30
N GLY D 134 -6.80 -6.20 17.07
CA GLY D 134 -6.73 -7.64 16.88
C GLY D 134 -7.45 -8.03 15.62
N ASN D 135 -6.72 -8.77 14.78
CA ASN D 135 -7.22 -9.19 13.48
C ASN D 135 -7.91 -10.57 13.56
N GLY D 136 -9.22 -10.55 13.65
CA GLY D 136 -9.99 -11.78 13.51
C GLY D 136 -10.85 -11.76 12.25
N VAL D 137 -10.34 -11.15 11.18
CA VAL D 137 -10.99 -11.21 9.89
C VAL D 137 -10.40 -12.40 9.10
N LEU D 138 -11.14 -13.47 9.07
CA LEU D 138 -10.77 -14.67 8.30
C LEU D 138 -10.76 -14.38 6.79
N THR D 139 -9.82 -14.99 6.07
CA THR D 139 -9.70 -14.81 4.62
C THR D 139 -9.37 -16.16 4.06
N THR D 140 -10.42 -16.89 3.71
CA THR D 140 -10.29 -18.30 3.39
C THR D 140 -10.73 -18.56 1.96
N ASN D 141 -10.26 -19.68 1.46
CA ASN D 141 -10.68 -20.13 0.13
C ASN D 141 -12.06 -20.79 0.11
N THR D 142 -12.43 -21.46 1.20
CA THR D 142 -13.68 -22.18 1.28
C THR D 142 -14.46 -21.82 2.53
N GLU D 143 -15.75 -22.07 2.50
CA GLU D 143 -16.57 -21.80 3.67
C GLU D 143 -16.21 -22.80 4.79
N LYS D 144 -15.82 -24.02 4.44
CA LYS D 144 -15.46 -25.01 5.45
C LYS D 144 -14.20 -24.61 6.23
N GLN D 145 -13.28 -23.95 5.54
CA GLN D 145 -12.09 -23.45 6.20
C GLN D 145 -12.47 -22.35 7.23
N ALA D 146 -13.42 -21.51 6.86
CA ALA D 146 -13.79 -20.41 7.72
C ALA D 146 -14.52 -20.99 8.97
N LEU D 147 -15.42 -21.95 8.76
CA LEU D 147 -16.11 -22.57 9.90
C LEU D 147 -15.14 -23.20 10.89
N ASP D 148 -14.06 -23.74 10.37
CA ASP D 148 -13.09 -24.48 11.16
C ASP D 148 -12.19 -23.56 11.97
N ARG D 149 -12.26 -22.28 11.63
CA ARG D 149 -11.55 -21.25 12.34
C ARG D 149 -12.38 -20.33 13.17
N ALA D 150 -13.71 -20.53 13.19
CA ALA D 150 -14.66 -19.62 13.84
C ALA D 150 -14.94 -19.92 15.34
N GLY D 151 -14.29 -20.94 15.89
CA GLY D 151 -14.47 -21.32 17.31
C GLY D 151 -15.86 -21.85 17.64
N LEU D 152 -16.47 -22.54 16.69
CA LEU D 152 -17.68 -23.32 17.04
C LEU D 152 -17.17 -24.56 17.77
N PRO D 153 -18.08 -25.32 18.42
CA PRO D 153 -17.58 -26.46 19.17
C PRO D 153 -16.76 -27.45 18.32
N THR D 154 -17.10 -27.59 17.04
CA THR D 154 -16.37 -28.45 16.13
C THR D 154 -15.13 -27.80 15.46
N SER D 155 -14.88 -26.52 15.74
CA SER D 155 -13.81 -25.80 15.03
C SER D 155 -12.43 -26.19 15.56
N ALA D 156 -11.42 -26.29 14.70
CA ALA D 156 -10.03 -26.54 15.15
C ALA D 156 -9.42 -25.34 15.88
N GLU D 157 -9.88 -24.15 15.51
CA GLU D 157 -9.38 -22.91 16.07
C GLU D 157 -10.51 -21.92 16.39
N ASP D 158 -10.20 -20.98 17.28
CA ASP D 158 -11.09 -19.93 17.74
C ASP D 158 -10.40 -18.59 17.42
N LYS D 159 -10.54 -18.08 16.20
CA LYS D 159 -9.83 -16.84 15.83
C LYS D 159 -10.34 -15.57 16.54
N GLY D 160 -11.62 -15.52 16.89
CA GLY D 160 -12.14 -14.45 17.77
C GLY D 160 -11.41 -14.45 19.09
N ALA D 161 -11.23 -15.62 19.69
CA ALA D 161 -10.49 -15.66 20.95
C ALA D 161 -9.05 -15.14 20.76
N GLN D 162 -8.41 -15.54 19.65
CA GLN D 162 -7.03 -15.21 19.43
C GLN D 162 -6.87 -13.72 19.19
N ALA D 163 -7.78 -13.15 18.37
CA ALA D 163 -7.79 -11.72 18.10
C ALA D 163 -7.97 -10.90 19.41
N ALA D 164 -8.83 -11.37 20.30
CA ALA D 164 -9.08 -10.64 21.57
C ALA D 164 -7.85 -10.69 22.49
N ALA D 165 -7.27 -11.87 22.67
CA ALA D 165 -6.03 -11.98 23.48
C ALA D 165 -4.89 -11.14 22.86
N ALA D 166 -4.74 -11.21 21.54
CA ALA D 166 -3.85 -10.30 20.81
C ALA D 166 -4.02 -8.81 21.18
N ALA D 167 -5.23 -8.28 21.02
CA ALA D 167 -5.50 -6.87 21.25
C ALA D 167 -5.28 -6.50 22.71
N LEU D 168 -5.70 -7.38 23.63
CA LEU D 168 -5.64 -7.06 25.06
C LEU D 168 -4.24 -7.21 25.62
N THR D 169 -3.51 -8.25 25.24
CA THR D 169 -2.12 -8.38 25.75
C THR D 169 -1.25 -7.26 25.22
N THR D 170 -1.46 -6.87 23.98
CA THR D 170 -0.66 -5.79 23.38
C THR D 170 -1.01 -4.44 24.03
N ALA D 171 -2.27 -4.25 24.40
CA ALA D 171 -2.67 -3.02 25.08
C ALA D 171 -2.01 -2.90 26.45
N LEU D 172 -1.95 -3.99 27.19
CA LEU D 172 -1.28 -4.00 28.48
C LEU D 172 0.20 -3.72 28.34
N THR D 173 0.79 -4.31 27.31
CA THR D 173 2.18 -4.06 26.98
C THR D 173 2.46 -2.58 26.72
N LEU D 174 1.64 -1.93 25.89
CA LEU D 174 1.80 -0.49 25.60
C LEU D 174 1.60 0.33 26.86
N LEU D 175 0.57 -0.01 27.62
CA LEU D 175 0.31 0.68 28.88
C LEU D 175 1.60 0.66 29.70
N ASN D 176 2.18 -0.53 29.86
CA ASN D 176 3.41 -0.70 30.59
C ASN D 176 4.55 0.14 30.03
N LEU D 177 4.79 0.04 28.73
CA LEU D 177 5.85 0.81 28.10
C LEU D 177 5.74 2.30 28.37
N ARG D 178 4.54 2.83 28.23
CA ARG D 178 4.32 4.25 28.35
C ARG D 178 4.37 4.75 29.78
N SER D 179 4.20 3.85 30.76
CA SER D 179 4.23 4.24 32.17
C SER D 179 5.62 4.77 32.58
N ILE E 34 24.02 15.17 -19.90
CA ILE E 34 23.37 15.74 -18.71
C ILE E 34 24.25 16.84 -18.13
N ASP E 35 23.81 18.08 -18.14
CA ASP E 35 24.53 19.10 -17.38
C ASP E 35 23.99 19.25 -15.94
N ALA E 36 24.63 18.59 -14.97
CA ALA E 36 24.11 18.55 -13.58
C ALA E 36 24.94 19.28 -12.50
N SER E 37 25.82 20.17 -12.93
CA SER E 37 26.80 20.80 -12.02
C SER E 37 26.27 21.43 -10.72
N GLY E 38 25.14 22.12 -10.74
CA GLY E 38 24.69 22.66 -9.44
C GLY E 38 24.40 21.63 -8.32
N LEU E 39 24.01 20.44 -8.74
CA LEU E 39 23.14 19.63 -7.93
C LEU E 39 23.81 18.80 -6.88
N ARG E 40 23.06 18.57 -5.81
CA ARG E 40 23.52 17.75 -4.72
C ARG E 40 22.86 16.41 -4.93
N LEU E 41 23.70 15.38 -5.07
CA LEU E 41 23.29 14.02 -5.34
C LEU E 41 23.64 13.13 -4.16
N GLY E 42 22.65 12.40 -3.69
CA GLY E 42 22.88 11.37 -2.70
C GLY E 42 22.87 9.99 -3.34
N ILE E 43 23.77 9.12 -2.90
CA ILE E 43 23.75 7.71 -3.35
CA ILE E 43 23.73 7.72 -3.35
C ILE E 43 23.74 6.78 -2.15
N VAL E 44 22.73 5.92 -2.11
CA VAL E 44 22.59 4.90 -1.04
C VAL E 44 22.67 3.56 -1.72
N ALA E 45 23.71 2.78 -1.37
CA ALA E 45 23.96 1.47 -1.91
C ALA E 45 24.09 0.46 -0.78
N SER E 46 23.32 -0.63 -0.84
CA SER E 46 23.50 -1.72 0.12
C SER E 46 24.73 -2.49 -0.26
N THR E 47 25.04 -3.49 0.55
CA THR E 47 26.30 -4.24 0.42
C THR E 47 26.08 -5.75 0.26
N TRP E 48 24.92 -6.29 0.64
CA TRP E 48 24.62 -7.72 0.41
CA TRP E 48 24.56 -7.72 0.40
C TRP E 48 24.76 -8.06 -1.08
N HIS E 49 25.54 -9.10 -1.35
CA HIS E 49 26.17 -9.37 -2.66
CA HIS E 49 26.07 -9.35 -2.69
C HIS E 49 27.01 -8.20 -3.11
N SER E 50 28.18 -8.12 -2.44
CA SER E 50 29.15 -7.05 -2.55
C SER E 50 29.53 -6.68 -3.97
N ARG E 51 29.86 -7.68 -4.76
CA ARG E 51 30.36 -7.47 -6.10
C ARG E 51 29.30 -6.77 -6.97
N ILE E 52 28.08 -7.25 -6.92
CA ILE E 52 26.96 -6.62 -7.64
C ILE E 52 26.77 -5.17 -7.14
N CYS E 53 26.66 -5.00 -5.84
CA CYS E 53 26.39 -3.64 -5.28
C CYS E 53 27.49 -2.67 -5.66
N ASP E 54 28.73 -3.09 -5.52
CA ASP E 54 29.84 -2.19 -5.87
C ASP E 54 29.79 -1.76 -7.35
N ALA E 55 29.39 -2.68 -8.21
CA ALA E 55 29.30 -2.39 -9.62
C ALA E 55 28.10 -1.49 -9.94
N LEU E 56 27.01 -1.67 -9.22
CA LEU E 56 25.93 -0.74 -9.34
C LEU E 56 26.40 0.68 -8.94
N LEU E 57 27.09 0.76 -7.80
CA LEU E 57 27.65 2.03 -7.32
C LEU E 57 28.59 2.66 -8.33
N ALA E 58 29.52 1.87 -8.84
CA ALA E 58 30.45 2.33 -9.85
C ALA E 58 29.76 2.96 -11.07
N GLY E 59 28.67 2.36 -11.53
CA GLY E 59 27.94 2.87 -12.69
C GLY E 59 27.19 4.17 -12.44
N ALA E 60 26.56 4.26 -11.26
CA ALA E 60 25.95 5.47 -10.76
C ALA E 60 26.95 6.60 -10.66
N ARG E 61 28.12 6.30 -10.10
CA ARG E 61 29.18 7.30 -9.95
CA ARG E 61 29.20 7.29 -9.93
C ARG E 61 29.67 7.80 -11.31
N LYS E 62 29.87 6.87 -12.26
CA LYS E 62 30.29 7.23 -13.64
C LYS E 62 29.36 8.27 -14.29
N VAL E 63 28.07 7.98 -14.30
CA VAL E 63 27.08 8.93 -14.85
C VAL E 63 27.06 10.28 -14.14
N ALA E 64 27.10 10.26 -12.81
CA ALA E 64 27.20 11.48 -12.03
C ALA E 64 28.43 12.28 -12.42
N ALA E 65 29.59 11.64 -12.43
CA ALA E 65 30.80 12.30 -12.87
C ALA E 65 30.64 12.86 -14.29
N ASP E 66 30.16 12.03 -15.20
CA ASP E 66 29.91 12.46 -16.56
C ASP E 66 28.92 13.64 -16.66
N SER E 67 28.16 13.87 -15.60
CA SER E 67 27.20 14.96 -15.57
C SER E 67 27.63 16.16 -14.72
N GLY E 68 28.90 16.18 -14.31
CA GLY E 68 29.44 17.29 -13.53
C GLY E 68 29.50 17.12 -12.01
N ILE E 69 29.27 15.91 -11.50
CA ILE E 69 29.23 15.70 -10.04
C ILE E 69 30.22 14.60 -9.69
N ASP E 70 31.43 15.01 -9.31
CA ASP E 70 32.51 14.07 -8.96
C ASP E 70 32.44 13.64 -7.50
N GLY E 71 31.69 14.37 -6.65
CA GLY E 71 31.61 14.01 -5.25
C GLY E 71 30.20 13.93 -4.67
N PRO E 72 29.39 12.99 -5.18
CA PRO E 72 28.10 12.79 -4.59
C PRO E 72 28.25 12.33 -3.11
N THR E 73 27.25 12.60 -2.27
CA THR E 73 27.17 11.98 -0.93
C THR E 73 26.91 10.51 -1.11
N VAL E 74 27.86 9.68 -0.72
CA VAL E 74 27.65 8.23 -0.80
C VAL E 74 27.56 7.57 0.54
N VAL E 75 26.56 6.73 0.71
CA VAL E 75 26.36 5.99 1.93
C VAL E 75 26.08 4.53 1.59
N ARG E 76 26.60 3.65 2.43
CA ARG E 76 26.34 2.22 2.36
C ARG E 76 25.53 1.76 3.54
N VAL E 77 24.67 0.79 3.27
CA VAL E 77 23.85 0.08 4.25
C VAL E 77 24.00 -1.46 4.09
N LEU E 78 23.51 -2.24 5.05
CA LEU E 78 23.58 -3.72 4.89
C LEU E 78 22.75 -4.31 3.75
N GLY E 79 21.43 -4.33 3.88
CA GLY E 79 20.57 -4.86 2.84
C GLY E 79 19.59 -3.86 2.28
N ALA E 80 18.80 -4.33 1.33
CA ALA E 80 17.83 -3.53 0.67
C ALA E 80 16.83 -2.93 1.65
N ILE E 81 16.48 -3.67 2.70
CA ILE E 81 15.54 -3.22 3.70
CA ILE E 81 15.53 -3.22 3.68
C ILE E 81 15.99 -1.90 4.35
N GLU E 82 17.30 -1.70 4.47
CA GLU E 82 17.84 -0.50 5.11
C GLU E 82 17.90 0.73 4.19
N ILE E 83 17.69 0.49 2.90
CA ILE E 83 17.82 1.55 1.92
C ILE E 83 16.80 2.67 2.15
N PRO E 84 15.48 2.36 2.25
CA PRO E 84 14.54 3.49 2.36
C PRO E 84 14.86 4.55 3.43
N VAL E 85 15.16 4.11 4.65
CA VAL E 85 15.28 5.08 5.72
C VAL E 85 16.46 6.07 5.49
N VAL E 86 17.52 5.61 4.80
CA VAL E 86 18.68 6.42 4.48
C VAL E 86 18.41 7.24 3.22
N VAL E 87 17.69 6.68 2.24
CA VAL E 87 17.28 7.47 1.08
C VAL E 87 16.44 8.68 1.59
N GLN E 88 15.52 8.41 2.50
CA GLN E 88 14.76 9.48 3.15
C GLN E 88 15.70 10.54 3.78
N GLU E 89 16.70 10.11 4.54
CA GLU E 89 17.61 11.07 5.21
C GLU E 89 18.32 11.96 4.18
N LEU E 90 18.69 11.39 3.05
CA LEU E 90 19.40 12.11 2.02
C LEU E 90 18.50 13.03 1.18
N ALA E 91 17.32 12.53 0.82
CA ALA E 91 16.36 13.26 0.02
C ALA E 91 15.98 14.61 0.65
N ARG E 92 15.91 14.66 1.98
CA ARG E 92 15.60 15.92 2.69
C ARG E 92 16.65 17.02 2.52
N HIS E 93 17.86 16.65 2.12
CA HIS E 93 18.96 17.62 1.91
C HIS E 93 19.64 17.50 0.56
N HIS E 94 19.04 16.78 -0.39
CA HIS E 94 19.65 16.60 -1.69
C HIS E 94 18.61 16.89 -2.77
N ASP E 95 19.10 17.23 -3.95
CA ASP E 95 18.23 17.55 -5.07
C ASP E 95 17.84 16.25 -5.78
N ALA E 96 18.56 15.19 -5.47
CA ALA E 96 18.31 13.90 -6.13
C ALA E 96 19.03 12.83 -5.35
N VAL E 97 18.46 11.64 -5.34
CA VAL E 97 19.02 10.45 -4.66
C VAL E 97 18.92 9.25 -5.58
N VAL E 98 19.93 8.38 -5.51
CA VAL E 98 19.97 7.14 -6.28
C VAL E 98 19.98 6.01 -5.23
N ALA E 99 19.08 5.05 -5.41
CA ALA E 99 18.91 3.92 -4.52
C ALA E 99 19.47 2.69 -5.21
N LEU E 100 20.47 2.06 -4.61
CA LEU E 100 21.17 0.96 -5.25
C LEU E 100 21.19 -0.27 -4.38
N GLY E 101 20.93 -1.43 -4.97
CA GLY E 101 21.10 -2.69 -4.26
C GLY E 101 20.57 -3.88 -5.07
N VAL E 102 20.54 -5.06 -4.43
CA VAL E 102 20.16 -6.27 -5.09
C VAL E 102 19.39 -7.16 -4.13
N VAL E 103 18.21 -7.59 -4.56
CA VAL E 103 17.52 -8.67 -3.84
C VAL E 103 17.36 -9.81 -4.83
N ILE E 104 17.82 -11.00 -4.45
CA ILE E 104 17.70 -12.19 -5.30
C ILE E 104 16.75 -13.11 -4.58
N ARG E 105 15.74 -13.64 -5.28
CA ARG E 105 14.82 -14.56 -4.67
C ARG E 105 15.54 -15.77 -4.03
N GLY E 106 15.19 -16.07 -2.78
CA GLY E 106 15.69 -17.22 -2.08
C GLY E 106 14.61 -18.30 -2.08
N ASP E 107 14.48 -18.99 -0.94
CA ASP E 107 13.61 -20.17 -0.89
C ASP E 107 12.17 -19.80 -0.59
N THR E 108 12.03 -18.71 0.19
CA THR E 108 10.75 -18.33 0.81
C THR E 108 10.08 -17.13 0.15
N PRO E 109 8.85 -16.81 0.57
CA PRO E 109 8.18 -15.58 0.15
C PRO E 109 8.83 -14.28 0.60
N HIS E 110 9.82 -14.32 1.48
CA HIS E 110 10.56 -13.12 1.94
C HIS E 110 10.79 -12.18 0.81
N PHE E 111 11.33 -12.70 -0.29
CA PHE E 111 11.62 -11.89 -1.47
C PHE E 111 10.44 -10.99 -1.87
N ASP E 112 9.24 -11.56 -1.92
CA ASP E 112 8.10 -10.82 -2.45
C ASP E 112 7.73 -9.62 -1.59
N TYR E 113 7.69 -9.84 -0.29
CA TYR E 113 7.36 -8.74 0.67
C TYR E 113 8.45 -7.74 0.79
N VAL E 114 9.70 -8.16 0.60
CA VAL E 114 10.83 -7.21 0.73
C VAL E 114 10.87 -6.28 -0.50
N CYS E 115 10.71 -6.88 -1.66
CA CYS E 115 10.77 -6.13 -2.92
C CYS E 115 9.59 -5.18 -3.04
N ASN E 116 8.43 -5.63 -2.61
CA ASN E 116 7.27 -4.75 -2.69
C ASN E 116 7.39 -3.58 -1.74
N SER E 117 7.83 -3.84 -0.52
CA SER E 117 7.88 -2.79 0.47
C SER E 117 8.96 -1.75 0.22
N VAL E 118 10.16 -2.23 -0.15
CA VAL E 118 11.24 -1.33 -0.51
C VAL E 118 10.88 -0.47 -1.73
N THR E 119 10.32 -1.06 -2.76
CA THR E 119 10.03 -0.30 -3.98
C THR E 119 8.97 0.78 -3.71
N GLN E 120 7.98 0.41 -2.92
CA GLN E 120 6.91 1.33 -2.55
C GLN E 120 7.40 2.43 -1.57
N GLY E 121 8.31 2.06 -0.66
CA GLY E 121 9.00 3.04 0.17
C GLY E 121 9.78 4.10 -0.61
N LEU E 122 10.40 3.67 -1.72
CA LEU E 122 11.14 4.60 -2.59
C LEU E 122 10.23 5.58 -3.30
N THR E 123 9.04 5.09 -3.68
CA THR E 123 8.00 5.90 -4.27
C THR E 123 7.47 6.91 -3.25
N ARG E 124 7.24 6.46 -2.01
CA ARG E 124 6.73 7.35 -0.98
C ARG E 124 7.70 8.48 -0.72
N ILE E 125 8.99 8.18 -0.58
CA ILE E 125 9.95 9.20 -0.17
C ILE E 125 10.05 10.29 -1.27
N ALA E 126 10.00 9.86 -2.52
CA ALA E 126 10.11 10.79 -3.64
C ALA E 126 8.96 11.78 -3.58
N LEU E 127 7.75 11.26 -3.31
CA LEU E 127 6.59 12.10 -3.21
C LEU E 127 6.62 12.97 -1.97
N ASP E 128 6.92 12.40 -0.80
CA ASP E 128 6.97 13.10 0.45
C ASP E 128 7.94 14.29 0.36
N THR E 129 9.11 14.03 -0.21
CA THR E 129 10.19 15.01 -0.24
C THR E 129 10.23 15.80 -1.56
N SER E 130 9.33 15.49 -2.47
CA SER E 130 9.31 16.09 -3.82
C SER E 130 10.69 16.07 -4.46
N THR E 131 11.38 14.94 -4.27
CA THR E 131 12.73 14.75 -4.74
C THR E 131 12.81 13.42 -5.50
N PRO E 132 13.42 13.42 -6.70
CA PRO E 132 13.52 12.13 -7.43
C PRO E 132 14.43 11.15 -6.76
N VAL E 133 13.97 9.90 -6.76
CA VAL E 133 14.69 8.77 -6.27
C VAL E 133 14.84 7.81 -7.45
N GLY E 134 16.06 7.70 -7.93
CA GLY E 134 16.37 6.84 -9.02
C GLY E 134 16.44 5.44 -8.47
N ASN E 135 15.75 4.51 -9.10
CA ASN E 135 15.64 3.14 -8.54
C ASN E 135 16.57 2.20 -9.30
N GLY E 136 17.70 1.90 -8.65
CA GLY E 136 18.67 0.92 -9.16
C GLY E 136 18.77 -0.25 -8.21
N VAL E 137 17.64 -0.61 -7.62
CA VAL E 137 17.63 -1.77 -6.71
C VAL E 137 17.20 -2.95 -7.53
N LEU E 138 18.10 -3.88 -7.79
CA LEU E 138 17.75 -5.04 -8.59
C LEU E 138 16.84 -6.03 -7.85
N THR E 139 15.74 -6.46 -8.47
CA THR E 139 14.91 -7.54 -7.91
C THR E 139 14.83 -8.73 -8.87
N THR E 140 15.69 -9.71 -8.66
CA THR E 140 15.88 -10.80 -9.62
C THR E 140 15.54 -12.15 -9.01
N ASN E 141 15.26 -13.11 -9.89
CA ASN E 141 15.01 -14.48 -9.50
C ASN E 141 16.29 -15.23 -9.35
N THR E 142 17.31 -14.87 -10.14
CA THR E 142 18.65 -15.52 -10.08
C THR E 142 19.78 -14.52 -9.98
N GLU E 143 20.89 -14.99 -9.42
CA GLU E 143 22.15 -14.23 -9.42
C GLU E 143 22.63 -13.78 -10.80
N LYS E 144 22.61 -14.69 -11.76
CA LYS E 144 23.10 -14.31 -13.11
C LYS E 144 22.28 -13.14 -13.71
N GLN E 145 20.98 -13.11 -13.45
CA GLN E 145 20.17 -11.97 -13.89
C GLN E 145 20.67 -10.68 -13.29
N ALA E 146 21.00 -10.72 -12.00
CA ALA E 146 21.45 -9.53 -11.27
C ALA E 146 22.83 -9.09 -11.80
N LEU E 147 23.71 -10.06 -12.03
CA LEU E 147 25.02 -9.77 -12.59
C LEU E 147 24.84 -9.17 -13.97
N ASP E 148 23.87 -9.66 -14.73
CA ASP E 148 23.67 -9.18 -16.11
C ASP E 148 23.14 -7.75 -16.19
N ARG E 149 22.70 -7.20 -15.06
CA ARG E 149 22.20 -5.84 -14.99
C ARG E 149 23.04 -4.87 -14.14
N ALA E 150 24.20 -5.33 -13.67
CA ALA E 150 24.99 -4.57 -12.72
C ALA E 150 26.10 -3.74 -13.33
N GLY E 151 26.14 -3.60 -14.65
CA GLY E 151 27.15 -2.71 -15.26
C GLY E 151 28.57 -3.26 -15.14
N LEU E 152 28.71 -4.58 -15.01
CA LEU E 152 30.05 -5.18 -15.09
C LEU E 152 30.50 -5.23 -16.56
N PRO E 153 31.79 -5.57 -16.83
CA PRO E 153 32.29 -5.54 -18.22
C PRO E 153 31.48 -6.39 -19.18
N THR E 154 30.90 -7.44 -18.64
CA THR E 154 30.21 -8.48 -19.38
C THR E 154 28.64 -8.31 -19.32
N SER E 155 28.16 -7.34 -18.56
CA SER E 155 26.70 -7.14 -18.35
C SER E 155 25.96 -6.59 -19.57
N ALA E 156 24.74 -7.08 -19.79
CA ALA E 156 23.85 -6.47 -20.81
C ALA E 156 23.46 -5.04 -20.46
N GLU E 157 23.32 -4.74 -19.17
CA GLU E 157 22.85 -3.43 -18.76
C GLU E 157 23.59 -2.89 -17.56
N ASP E 158 23.48 -1.57 -17.40
CA ASP E 158 24.10 -0.88 -16.26
C ASP E 158 22.97 -0.17 -15.54
N LYS E 159 22.36 -0.82 -14.55
CA LYS E 159 21.24 -0.21 -13.82
C LYS E 159 21.64 0.89 -12.88
N GLY E 160 22.90 0.86 -12.42
CA GLY E 160 23.44 1.97 -11.63
C GLY E 160 23.43 3.25 -12.45
N ALA E 161 23.84 3.12 -13.70
CA ALA E 161 23.96 4.26 -14.59
C ALA E 161 22.57 4.78 -14.91
N GLN E 162 21.65 3.86 -15.19
CA GLN E 162 20.28 4.24 -15.53
C GLN E 162 19.58 4.96 -14.40
N ALA E 163 19.74 4.46 -13.18
CA ALA E 163 19.13 5.12 -12.01
C ALA E 163 19.67 6.54 -11.84
N ALA E 164 20.97 6.71 -12.02
CA ALA E 164 21.61 8.02 -11.86
C ALA E 164 21.10 8.98 -12.92
N ALA E 165 20.95 8.50 -14.13
CA ALA E 165 20.49 9.35 -15.19
C ALA E 165 19.05 9.77 -14.92
N ALA E 166 18.26 8.85 -14.38
CA ALA E 166 16.86 9.10 -14.13
C ALA E 166 16.74 10.15 -13.01
N ALA E 167 17.55 10.01 -11.97
CA ALA E 167 17.48 10.92 -10.84
C ALA E 167 17.89 12.30 -11.25
N LEU E 168 18.97 12.35 -11.99
CA LEU E 168 19.55 13.64 -12.34
C LEU E 168 18.70 14.37 -13.37
N THR E 169 18.22 13.63 -14.37
CA THR E 169 17.51 14.26 -15.45
C THR E 169 16.21 14.79 -14.88
N THR E 170 15.59 14.04 -13.98
CA THR E 170 14.31 14.47 -13.40
C THR E 170 14.53 15.71 -12.50
N ALA E 171 15.61 15.72 -11.70
CA ALA E 171 15.86 16.85 -10.80
C ALA E 171 16.02 18.16 -11.59
N LEU E 172 16.71 18.07 -12.72
CA LEU E 172 16.92 19.22 -13.61
C LEU E 172 15.59 19.73 -14.12
N THR E 173 14.74 18.81 -14.56
CA THR E 173 13.42 19.16 -15.05
C THR E 173 12.59 19.90 -13.97
N LEU E 174 12.65 19.38 -12.75
CA LEU E 174 11.94 19.96 -11.62
C LEU E 174 12.47 21.35 -11.26
N LEU E 175 13.78 21.55 -11.36
CA LEU E 175 14.41 22.82 -11.07
C LEU E 175 14.01 23.84 -12.14
N ASN E 176 13.82 23.37 -13.36
CA ASN E 176 13.37 24.18 -14.46
C ASN E 176 11.89 24.63 -14.22
N LEU E 177 11.01 23.69 -13.85
CA LEU E 177 9.60 23.98 -13.53
C LEU E 177 9.40 25.00 -12.38
N ARG E 178 10.18 24.83 -11.33
CA ARG E 178 10.12 25.68 -10.16
C ARG E 178 10.63 27.09 -10.37
N SER E 179 11.54 27.26 -11.32
CA SER E 179 12.18 28.55 -11.56
C SER E 179 11.35 29.32 -12.57
N ARG E 180 10.05 29.44 -12.29
CA ARG E 180 9.09 30.09 -13.16
C ARG E 180 8.04 30.84 -12.37
N ILE E 181 7.41 31.81 -13.03
CA ILE E 181 6.22 32.52 -12.55
C ILE E 181 6.62 33.60 -11.55
#